data_5TSP
#
_entry.id   5TSP
#
_cell.length_a   69.386
_cell.length_b   98.007
_cell.length_c   72.648
_cell.angle_alpha   90.00
_cell.angle_beta   90.99
_cell.angle_gamma   90.00
#
_symmetry.space_group_name_H-M   'P 1 21 1'
#
loop_
_entity.id
_entity.type
_entity.pdbx_description
1 polymer Sialidase
2 non-polymer '2-[N-CYCLOHEXYLAMINO]ETHANE SULFONIC ACID'
3 non-polymer 'CALCIUM ION'
4 water water
#
_entity_poly.entity_id   1
_entity_poly.type   'polypeptide(L)'
_entity_poly.pdbx_seq_one_letter_code
;MVEGAVKTEPVDLFHPGFLNSSNYRIPALFKTKEGTLIASIDARRQGGADAPNNDIDTAVRRSEDGGKTWDEGQIIMDYP
DKSSVIDTTLIQDDETGRIFLLVTHFPSKYGFWNAGLGSGFKNIDGKEYLCLYDSSGKEFTVRENVVYDKDGNKTEYTTN
ALGDLFRNGTKIDNINSSTAPLKAKGTSYINLVYSDDDGKTWSEPQNINFQVKKDWMKFLGIAPGRGIQIKNGEHKGRIV
VPVYYTNEKGKQSSAVIYSDDSGKNWTIGESPNDNRKLENGKIINSKTLSDDAPQLTECQVVEMPNGQLKLFMRNLSGYL
NIATSFDGGATWDETVEKDTNVLEPYCQLSVINYSQKIDGKDAVIFSNPNARSRSNGTVRIGLINQVGTYENGEPKYEFD
WKYNKLVKPGYYAYSCLTELSNGNIGLLYEGTPSEEMSYIEMNLKYLESGANKLEHHHHHH
;
_entity_poly.pdbx_strand_id   A,B
#
loop_
_chem_comp.id
_chem_comp.type
_chem_comp.name
_chem_comp.formula
CA non-polymer 'CALCIUM ION' 'Ca 2'
NHE non-polymer '2-[N-CYCLOHEXYLAMINO]ETHANE SULFONIC ACID' 'C8 H17 N O3 S'
#
# COMPACT_ATOMS: atom_id res chain seq x y z
N VAL A 2 -20.61 2.04 29.91
CA VAL A 2 -21.49 1.94 31.05
C VAL A 2 -20.70 1.96 32.36
N GLU A 3 -21.37 1.66 33.47
CA GLU A 3 -20.72 1.65 34.79
C GLU A 3 -19.98 0.33 35.03
N GLY A 4 -18.69 0.45 35.31
CA GLY A 4 -17.85 -0.71 35.49
C GLY A 4 -17.22 -1.12 34.18
N ALA A 5 -17.64 -0.54 33.06
CA ALA A 5 -17.02 -0.84 31.78
C ALA A 5 -15.60 -0.31 31.75
N VAL A 6 -14.71 -1.08 31.13
CA VAL A 6 -13.31 -0.69 31.01
C VAL A 6 -12.88 -0.73 29.56
N LYS A 7 -12.29 0.36 29.10
CA LYS A 7 -11.53 0.40 27.86
C LYS A 7 -10.44 1.39 28.13
N THR A 8 -9.22 0.92 28.31
CA THR A 8 -8.14 1.81 28.68
C THR A 8 -7.79 2.74 27.51
N GLU A 9 -7.23 3.88 27.84
N GLU A 9 -7.22 3.89 27.84
CA GLU A 9 -6.72 4.79 26.82
CA GLU A 9 -6.72 4.80 26.83
C GLU A 9 -5.54 4.13 26.14
C GLU A 9 -5.53 4.14 26.14
N PRO A 10 -5.49 4.17 24.80
CA PRO A 10 -4.42 3.45 24.09
C PRO A 10 -3.01 3.90 24.49
N VAL A 11 -2.12 2.92 24.62
CA VAL A 11 -0.71 3.18 24.87
C VAL A 11 0.07 2.78 23.63
N ASP A 12 1.05 3.59 23.24
CA ASP A 12 1.91 3.27 22.11
C ASP A 12 2.96 2.25 22.57
N LEU A 13 2.63 0.98 22.49
CA LEU A 13 3.52 -0.08 22.97
C LEU A 13 4.79 -0.17 22.12
N PHE A 14 4.66 0.11 20.81
CA PHE A 14 5.80 0.30 19.95
C PHE A 14 5.55 1.60 19.20
N HIS A 15 6.62 2.30 18.84
CA HIS A 15 6.50 3.62 18.23
C HIS A 15 7.85 3.98 17.65
N PRO A 16 7.88 4.93 16.70
CA PRO A 16 9.17 5.37 16.16
C PRO A 16 10.10 5.79 17.28
N GLY A 17 11.34 5.31 17.21
CA GLY A 17 12.34 5.61 18.22
C GLY A 17 12.51 4.52 19.25
N PHE A 18 11.48 3.72 19.51
CA PHE A 18 11.61 2.61 20.43
C PHE A 18 12.63 1.63 19.87
N LEU A 19 13.63 1.28 20.69
CA LEU A 19 14.76 0.45 20.26
C LEU A 19 15.43 0.98 18.99
N ASN A 20 15.37 2.30 18.82
N ASN A 20 15.37 2.30 18.81
CA ASN A 20 15.97 2.96 17.67
CA ASN A 20 16.01 2.94 17.65
C ASN A 20 15.45 2.44 16.33
C ASN A 20 15.45 2.43 16.31
N SER A 21 14.17 2.06 16.29
CA SER A 21 13.53 1.67 15.05
C SER A 21 12.56 2.74 14.63
N SER A 22 12.67 3.17 13.38
N SER A 22 12.63 3.21 13.39
CA SER A 22 11.81 4.19 12.79
CA SER A 22 11.72 4.25 12.94
C SER A 22 10.36 3.75 12.63
C SER A 22 10.31 3.76 12.63
N ASN A 23 10.16 2.47 12.37
CA ASN A 23 8.83 1.93 12.04
C ASN A 23 8.60 0.59 12.72
N TYR A 24 7.32 0.24 12.83
CA TYR A 24 6.87 -0.99 13.46
C TYR A 24 5.63 -1.48 12.74
N ARG A 25 5.49 -2.80 12.62
CA ARG A 25 4.26 -3.41 12.11
C ARG A 25 4.15 -4.83 12.63
N ILE A 26 2.93 -5.36 12.53
CA ILE A 26 2.65 -6.80 12.62
C ILE A 26 2.66 -7.31 14.06
N PRO A 27 1.61 -7.00 14.82
CA PRO A 27 1.60 -7.36 16.24
C PRO A 27 1.27 -8.80 16.56
N ALA A 28 1.91 -9.32 17.60
CA ALA A 28 1.55 -10.59 18.22
C ALA A 28 1.51 -10.39 19.73
N LEU A 29 0.55 -11.00 20.39
CA LEU A 29 0.31 -10.77 21.81
C LEU A 29 -0.16 -12.05 22.46
N PHE A 30 0.44 -12.41 23.59
CA PHE A 30 0.21 -13.71 24.21
C PHE A 30 0.43 -13.63 25.71
N LYS A 31 -0.48 -14.22 26.48
CA LYS A 31 -0.32 -14.35 27.93
C LYS A 31 0.22 -15.73 28.27
N THR A 32 1.34 -15.77 28.97
CA THR A 32 1.97 -17.03 29.31
C THR A 32 1.29 -17.69 30.52
N LYS A 33 1.69 -18.93 30.77
CA LYS A 33 1.20 -19.74 31.88
C LYS A 33 1.42 -19.03 33.21
N GLU A 34 2.50 -18.27 33.32
CA GLU A 34 2.81 -17.54 34.54
C GLU A 34 2.09 -16.21 34.64
N GLY A 35 1.38 -15.81 33.59
CA GLY A 35 0.62 -14.58 33.62
C GLY A 35 1.31 -13.41 32.95
N THR A 36 2.49 -13.64 32.38
CA THR A 36 3.24 -12.58 31.72
C THR A 36 2.66 -12.31 30.33
N LEU A 37 2.59 -11.04 29.95
CA LEU A 37 2.25 -10.72 28.57
C LEU A 37 3.51 -10.58 27.74
N ILE A 38 3.52 -11.23 26.59
N ILE A 38 3.51 -11.24 26.59
CA ILE A 38 4.60 -11.08 25.63
CA ILE A 38 4.57 -11.13 25.60
C ILE A 38 4.02 -10.46 24.37
C ILE A 38 3.99 -10.44 24.37
N ALA A 39 4.62 -9.37 23.93
CA ALA A 39 4.23 -8.70 22.70
C ALA A 39 5.42 -8.73 21.76
N SER A 40 5.22 -9.28 20.57
CA SER A 40 6.26 -9.23 19.55
C SER A 40 5.78 -8.43 18.35
N ILE A 41 6.74 -8.03 17.52
CA ILE A 41 6.48 -7.05 16.49
C ILE A 41 7.66 -7.05 15.52
N ASP A 42 7.41 -6.60 14.29
CA ASP A 42 8.48 -6.28 13.34
C ASP A 42 9.03 -4.88 13.66
N ALA A 43 10.32 -4.79 13.96
CA ALA A 43 11.01 -3.51 14.01
C ALA A 43 11.52 -3.26 12.60
N ARG A 44 10.77 -2.45 11.85
CA ARG A 44 11.04 -2.20 10.44
C ARG A 44 11.95 -0.98 10.39
N ARG A 45 13.23 -1.20 10.11
N ARG A 45 13.22 -1.23 10.08
CA ARG A 45 14.25 -0.19 10.35
CA ARG A 45 14.30 -0.26 10.30
C ARG A 45 14.46 0.81 9.20
C ARG A 45 14.45 0.79 9.21
N GLN A 46 13.98 0.50 8.03
CA GLN A 46 14.16 1.38 6.88
C GLN A 46 12.88 1.71 6.26
N GLY A 47 11.94 2.20 7.01
CA GLY A 47 10.62 2.49 6.50
C GLY A 47 9.65 1.40 6.92
N GLY A 48 8.43 1.48 6.43
CA GLY A 48 7.41 0.50 6.82
C GLY A 48 7.13 -0.61 5.81
N ALA A 49 7.81 -0.60 4.68
CA ALA A 49 7.50 -1.55 3.62
C ALA A 49 7.88 -3.00 3.96
N ASP A 50 7.20 -3.95 3.35
CA ASP A 50 7.57 -5.35 3.47
C ASP A 50 8.94 -5.62 2.84
N ALA A 51 9.59 -6.67 3.33
CA ALA A 51 10.70 -7.29 2.60
C ALA A 51 10.26 -7.51 1.16
N PRO A 52 11.16 -7.32 0.18
CA PRO A 52 12.61 -7.07 0.31
C PRO A 52 12.98 -5.60 0.48
N ASN A 53 12.00 -4.71 0.53
CA ASN A 53 12.28 -3.28 0.55
C ASN A 53 12.46 -2.76 1.97
N ASN A 54 13.30 -3.44 2.75
CA ASN A 54 13.49 -3.07 4.15
C ASN A 54 14.62 -3.88 4.75
N ASP A 55 14.89 -3.60 6.03
CA ASP A 55 15.75 -4.42 6.85
C ASP A 55 14.98 -4.53 8.16
N ILE A 56 14.41 -5.69 8.44
CA ILE A 56 13.44 -5.86 9.54
C ILE A 56 13.98 -6.84 10.57
N ASP A 57 13.90 -6.43 11.83
CA ASP A 57 14.33 -7.24 12.97
C ASP A 57 13.10 -7.59 13.81
N THR A 58 13.20 -8.59 14.67
CA THR A 58 12.10 -8.94 15.57
C THR A 58 12.32 -8.37 16.96
N ALA A 59 11.35 -7.65 17.48
CA ALA A 59 11.42 -7.09 18.83
C ALA A 59 10.35 -7.69 19.74
N VAL A 60 10.63 -7.71 21.03
CA VAL A 60 9.73 -8.26 22.04
C VAL A 60 9.72 -7.37 23.28
N ARG A 61 8.53 -7.13 23.83
CA ARG A 61 8.38 -6.53 25.15
C ARG A 61 7.59 -7.48 26.05
N ARG A 62 7.87 -7.40 27.35
CA ARG A 62 7.18 -8.21 28.36
C ARG A 62 6.52 -7.33 29.40
N SER A 63 5.39 -7.77 29.91
CA SER A 63 4.75 -7.16 31.07
C SER A 63 4.47 -8.21 32.12
N GLU A 64 4.89 -7.94 33.36
CA GLU A 64 4.63 -8.85 34.49
C GLU A 64 3.49 -8.38 35.39
N ASP A 65 2.80 -7.31 35.02
CA ASP A 65 1.73 -6.78 35.86
C ASP A 65 0.42 -6.64 35.10
N GLY A 66 0.17 -7.56 34.18
CA GLY A 66 -1.09 -7.58 33.47
C GLY A 66 -1.23 -6.51 32.42
N GLY A 67 -0.11 -6.02 31.90
CA GLY A 67 -0.14 -5.06 30.80
C GLY A 67 -0.16 -3.62 31.24
N LYS A 68 -0.01 -3.36 32.54
CA LYS A 68 0.03 -1.98 33.02
C LYS A 68 1.36 -1.32 32.74
N THR A 69 2.46 -2.06 32.91
CA THR A 69 3.79 -1.57 32.57
C THR A 69 4.55 -2.62 31.79
N TRP A 70 5.48 -2.16 30.97
CA TRP A 70 6.21 -3.01 30.04
C TRP A 70 7.70 -2.77 30.16
N ASP A 71 8.50 -3.79 29.83
CA ASP A 71 9.94 -3.68 29.95
C ASP A 71 10.54 -2.85 28.81
N GLU A 72 11.87 -2.76 28.77
CA GLU A 72 12.55 -1.91 27.81
C GLU A 72 12.71 -2.55 26.43
N GLY A 73 12.23 -3.78 26.28
CA GLY A 73 12.25 -4.44 24.98
C GLY A 73 13.60 -5.06 24.67
N GLN A 74 13.61 -5.95 23.69
CA GLN A 74 14.85 -6.52 23.19
C GLN A 74 14.64 -6.95 21.75
N ILE A 75 15.70 -6.88 20.98
CA ILE A 75 15.72 -7.43 19.63
C ILE A 75 16.20 -8.85 19.72
N ILE A 76 15.46 -9.80 19.16
CA ILE A 76 15.82 -11.20 19.31
C ILE A 76 16.24 -11.88 18.01
N MET A 77 15.96 -11.26 16.87
CA MET A 77 16.49 -11.73 15.59
C MET A 77 16.81 -10.51 14.74
N ASP A 78 17.95 -10.56 14.06
CA ASP A 78 18.46 -9.43 13.28
C ASP A 78 19.47 -10.00 12.31
N TYR A 79 19.17 -9.92 11.02
CA TYR A 79 20.08 -10.34 9.96
C TYR A 79 20.61 -9.10 9.26
N PRO A 80 21.80 -9.20 8.64
CA PRO A 80 22.42 -8.01 8.06
C PRO A 80 21.92 -7.69 6.66
N ASP A 81 22.19 -6.45 6.23
CA ASP A 81 22.18 -6.09 4.81
C ASP A 81 20.86 -6.39 4.11
N LYS A 82 19.76 -5.99 4.75
CA LYS A 82 18.41 -6.07 4.18
C LYS A 82 17.90 -7.50 4.03
N SER A 83 18.49 -8.43 4.75
CA SER A 83 17.81 -9.69 5.06
C SER A 83 16.85 -9.39 6.20
N SER A 84 15.62 -9.89 6.12
CA SER A 84 14.57 -9.56 7.08
C SER A 84 13.93 -10.78 7.72
N VAL A 85 13.53 -10.59 8.98
CA VAL A 85 12.57 -11.46 9.63
C VAL A 85 11.26 -10.70 9.73
N ILE A 86 10.17 -11.33 9.32
CA ILE A 86 8.90 -10.65 9.10
C ILE A 86 7.77 -11.59 9.48
N ASP A 87 6.79 -11.10 10.26
CA ASP A 87 5.55 -11.80 10.62
C ASP A 87 5.76 -12.83 11.73
N THR A 88 5.59 -12.40 12.98
CA THR A 88 5.80 -13.26 14.13
C THR A 88 4.50 -13.88 14.65
N THR A 89 4.66 -14.99 15.36
CA THR A 89 3.56 -15.69 15.99
C THR A 89 4.08 -16.29 17.32
N LEU A 90 3.19 -16.32 18.31
CA LEU A 90 3.51 -16.79 19.67
C LEU A 90 2.62 -17.94 20.11
N ILE A 91 3.23 -18.91 20.79
CA ILE A 91 2.49 -19.99 21.45
C ILE A 91 3.38 -20.59 22.54
N GLN A 92 2.77 -21.28 23.49
CA GLN A 92 3.52 -21.91 24.57
C GLN A 92 3.03 -23.35 24.74
N ASP A 93 3.96 -24.24 25.07
CA ASP A 93 3.62 -25.60 25.44
C ASP A 93 3.31 -25.64 26.93
N ASP A 94 2.10 -26.02 27.30
CA ASP A 94 1.74 -26.07 28.72
C ASP A 94 2.52 -27.13 29.49
N GLU A 95 2.87 -28.24 28.84
CA GLU A 95 3.56 -29.32 29.53
C GLU A 95 4.94 -28.92 30.01
N THR A 96 5.76 -28.40 29.11
CA THR A 96 7.14 -28.05 29.44
C THR A 96 7.29 -26.58 29.82
N GLY A 97 6.30 -25.76 29.49
CA GLY A 97 6.41 -24.33 29.71
C GLY A 97 7.19 -23.56 28.66
N ARG A 98 7.76 -24.26 27.69
CA ARG A 98 8.53 -23.60 26.65
C ARG A 98 7.63 -22.70 25.80
N ILE A 99 8.09 -21.46 25.60
CA ILE A 99 7.40 -20.51 24.73
C ILE A 99 8.10 -20.48 23.38
N PHE A 100 7.30 -20.50 22.31
CA PHE A 100 7.81 -20.47 20.94
C PHE A 100 7.43 -19.18 20.25
N LEU A 101 8.37 -18.61 19.51
CA LEU A 101 8.07 -17.54 18.58
C LEU A 101 8.59 -18.01 17.23
N LEU A 102 7.73 -17.96 16.22
CA LEU A 102 8.13 -18.31 14.86
C LEU A 102 7.99 -17.08 13.98
N VAL A 103 8.75 -17.05 12.89
N VAL A 103 8.84 -16.98 12.95
CA VAL A 103 8.79 -15.89 12.02
CA VAL A 103 8.80 -15.88 12.00
C VAL A 103 9.23 -16.34 10.64
C VAL A 103 9.15 -16.39 10.62
N THR A 104 8.86 -15.57 9.61
CA THR A 104 9.35 -15.83 8.26
C THR A 104 10.66 -15.08 8.07
N HIS A 105 11.61 -15.72 7.39
CA HIS A 105 12.91 -15.12 7.15
C HIS A 105 13.22 -15.14 5.65
N PHE A 106 13.68 -14.01 5.13
CA PHE A 106 14.17 -13.91 3.75
C PHE A 106 15.61 -13.43 3.71
N PRO A 107 16.46 -14.07 2.90
CA PRO A 107 17.76 -13.47 2.58
C PRO A 107 17.58 -12.12 1.89
N SER A 108 18.65 -11.33 1.87
CA SER A 108 18.63 -10.04 1.19
C SER A 108 18.12 -10.18 -0.24
N LYS A 109 17.25 -9.24 -0.64
CA LYS A 109 16.67 -9.12 -1.99
C LYS A 109 15.43 -9.96 -2.23
N TYR A 110 15.07 -10.81 -1.26
CA TYR A 110 13.93 -11.70 -1.45
C TYR A 110 12.71 -11.37 -0.61
N GLY A 111 11.55 -11.70 -1.17
CA GLY A 111 10.27 -11.56 -0.50
C GLY A 111 9.25 -12.48 -1.12
N PHE A 112 7.98 -12.18 -0.88
CA PHE A 112 6.85 -12.97 -1.35
C PHE A 112 6.87 -13.19 -2.86
N TRP A 113 7.11 -12.12 -3.61
CA TRP A 113 6.89 -12.15 -5.05
C TRP A 113 7.99 -12.89 -5.81
N ASN A 114 9.22 -12.89 -5.28
CA ASN A 114 10.33 -13.50 -6.00
C ASN A 114 10.95 -14.71 -5.29
N ALA A 115 10.26 -15.23 -4.29
CA ALA A 115 10.77 -16.41 -3.57
C ALA A 115 10.96 -17.60 -4.50
N GLY A 116 12.09 -18.28 -4.38
CA GLY A 116 12.34 -19.46 -5.17
C GLY A 116 11.58 -20.68 -4.66
N LEU A 117 11.47 -21.70 -5.50
CA LEU A 117 10.79 -22.92 -5.12
C LEU A 117 11.53 -23.73 -4.07
N GLY A 118 10.78 -24.30 -3.14
CA GLY A 118 11.33 -25.34 -2.28
C GLY A 118 11.95 -24.88 -0.97
N SER A 119 12.47 -25.84 -0.23
CA SER A 119 12.89 -25.62 1.14
C SER A 119 14.26 -24.96 1.27
N GLY A 120 15.07 -25.02 0.22
CA GLY A 120 16.46 -24.59 0.33
C GLY A 120 17.40 -25.60 0.96
N PHE A 121 16.89 -26.79 1.23
CA PHE A 121 17.70 -27.89 1.78
C PHE A 121 17.83 -29.01 0.75
N LYS A 122 18.90 -29.78 0.89
CA LYS A 122 19.14 -30.95 0.05
C LYS A 122 19.38 -32.15 0.96
N ASN A 123 18.82 -33.29 0.59
CA ASN A 123 19.06 -34.50 1.34
C ASN A 123 20.35 -35.19 0.88
N ILE A 124 21.29 -35.38 1.79
CA ILE A 124 22.50 -36.17 1.51
C ILE A 124 22.55 -37.33 2.49
N ASP A 125 22.41 -38.53 1.95
CA ASP A 125 22.50 -39.77 2.73
C ASP A 125 21.58 -39.78 3.95
N GLY A 126 20.39 -39.21 3.80
CA GLY A 126 19.36 -39.35 4.80
C GLY A 126 19.26 -38.22 5.80
N LYS A 127 19.97 -37.12 5.55
CA LYS A 127 19.81 -35.94 6.38
C LYS A 127 19.68 -34.71 5.49
N GLU A 128 18.85 -33.77 5.91
CA GLU A 128 18.64 -32.53 5.18
C GLU A 128 19.67 -31.49 5.57
N TYR A 129 20.31 -30.90 4.57
CA TYR A 129 21.33 -29.88 4.79
C TYR A 129 21.01 -28.62 4.00
N LEU A 130 21.24 -27.47 4.61
CA LEU A 130 21.04 -26.19 3.93
C LEU A 130 21.99 -26.09 2.74
N CYS A 131 21.47 -25.66 1.61
CA CYS A 131 22.30 -25.43 0.42
C CYS A 131 22.86 -24.03 0.40
N LEU A 132 24.06 -23.89 -0.15
CA LEU A 132 24.62 -22.59 -0.46
C LEU A 132 25.02 -22.58 -1.92
N TYR A 133 25.02 -21.39 -2.50
CA TYR A 133 25.34 -21.24 -3.91
C TYR A 133 26.39 -20.16 -4.09
N ASP A 134 27.35 -20.40 -4.98
CA ASP A 134 28.25 -19.32 -5.37
C ASP A 134 27.66 -18.53 -6.53
N SER A 135 28.36 -17.49 -6.97
CA SER A 135 27.80 -16.62 -8.01
C SER A 135 27.65 -17.32 -9.36
N SER A 136 28.35 -18.44 -9.53
CA SER A 136 28.24 -19.24 -10.75
C SER A 136 27.07 -20.22 -10.67
N GLY A 137 26.51 -20.39 -9.47
CA GLY A 137 25.39 -21.29 -9.29
C GLY A 137 25.78 -22.66 -8.80
N LYS A 138 27.08 -22.87 -8.57
CA LYS A 138 27.57 -24.11 -7.98
C LYS A 138 26.95 -24.30 -6.59
N GLU A 139 26.58 -25.53 -6.28
CA GLU A 139 25.84 -25.85 -5.06
C GLU A 139 26.73 -26.50 -4.02
N PHE A 140 26.58 -26.05 -2.78
CA PHE A 140 27.31 -26.57 -1.63
C PHE A 140 26.29 -26.94 -0.56
N THR A 141 26.71 -27.72 0.42
CA THR A 141 25.83 -28.03 1.56
C THR A 141 26.50 -27.70 2.88
N VAL A 142 25.70 -27.32 3.86
CA VAL A 142 26.19 -27.06 5.21
C VAL A 142 25.86 -28.27 6.07
N ARG A 143 26.90 -28.95 6.54
CA ARG A 143 26.73 -30.15 7.34
C ARG A 143 27.39 -29.92 8.68
N GLU A 144 26.57 -29.85 9.73
CA GLU A 144 27.05 -29.49 11.06
C GLU A 144 27.91 -28.23 11.00
N ASN A 145 27.43 -27.22 10.28
CA ASN A 145 28.08 -25.91 10.16
C ASN A 145 29.39 -25.91 9.39
N VAL A 146 29.69 -27.01 8.70
CA VAL A 146 30.86 -27.09 7.83
C VAL A 146 30.38 -27.14 6.38
N VAL A 147 30.95 -26.30 5.53
CA VAL A 147 30.53 -26.24 4.14
C VAL A 147 31.27 -27.27 3.28
N TYR A 148 30.48 -28.11 2.60
CA TYR A 148 30.99 -29.13 1.68
C TYR A 148 30.64 -28.77 0.24
N ASP A 149 31.52 -29.12 -0.69
CA ASP A 149 31.22 -28.89 -2.10
C ASP A 149 30.36 -30.02 -2.67
N LYS A 150 30.04 -29.91 -3.96
CA LYS A 150 29.14 -30.86 -4.60
C LYS A 150 29.67 -32.29 -4.63
N ASP A 151 30.99 -32.45 -4.50
CA ASP A 151 31.59 -33.78 -4.53
C ASP A 151 31.84 -34.34 -3.13
N GLY A 152 31.37 -33.63 -2.11
CA GLY A 152 31.47 -34.13 -0.75
C GLY A 152 32.78 -33.83 -0.06
N ASN A 153 33.55 -32.89 -0.61
CA ASN A 153 34.79 -32.46 0.00
C ASN A 153 34.57 -31.27 0.93
N LYS A 154 35.21 -31.29 2.09
CA LYS A 154 35.19 -30.14 3.00
C LYS A 154 35.86 -28.96 2.32
N THR A 155 35.26 -27.78 2.50
CA THR A 155 35.85 -26.55 2.04
C THR A 155 36.49 -25.82 3.22
N GLU A 156 36.96 -24.61 2.99
CA GLU A 156 37.52 -23.78 4.05
C GLU A 156 36.45 -23.01 4.81
N TYR A 157 35.18 -23.19 4.44
CA TYR A 157 34.10 -22.40 5.00
C TYR A 157 33.30 -23.13 6.06
N THR A 158 32.86 -22.34 7.04
CA THR A 158 31.93 -22.77 8.06
C THR A 158 30.88 -21.68 8.27
N THR A 159 29.80 -22.05 8.95
CA THR A 159 28.74 -21.09 9.28
C THR A 159 28.42 -21.12 10.76
N ASN A 160 27.59 -20.18 11.20
CA ASN A 160 26.91 -20.33 12.48
C ASN A 160 25.39 -20.18 12.29
N ALA A 161 24.66 -20.33 13.40
CA ALA A 161 23.20 -20.28 13.36
C ALA A 161 22.63 -18.94 12.89
N LEU A 162 23.42 -17.88 12.99
CA LEU A 162 23.00 -16.57 12.52
C LEU A 162 23.29 -16.36 11.05
N GLY A 163 23.93 -17.34 10.42
CA GLY A 163 24.30 -17.23 9.02
C GLY A 163 25.68 -16.65 8.77
N ASP A 164 26.44 -16.35 9.81
CA ASP A 164 27.78 -15.82 9.58
C ASP A 164 28.59 -16.86 8.81
N LEU A 165 29.43 -16.37 7.90
CA LEU A 165 30.25 -17.19 7.03
C LEU A 165 31.72 -16.96 7.38
N PHE A 166 32.41 -18.03 7.76
CA PHE A 166 33.79 -17.97 8.22
C PHE A 166 34.70 -18.71 7.24
N ARG A 167 35.82 -18.10 6.91
CA ARG A 167 36.85 -18.77 6.06
C ARG A 167 38.02 -19.05 7.01
N ASN A 168 38.32 -20.32 7.19
CA ASN A 168 39.35 -20.72 8.13
C ASN A 168 39.18 -20.07 9.50
N GLY A 169 37.94 -20.00 9.99
CA GLY A 169 37.68 -19.46 11.31
C GLY A 169 37.63 -17.95 11.45
N THR A 170 37.70 -17.22 10.34
CA THR A 170 37.57 -15.77 10.37
C THR A 170 36.32 -15.34 9.62
N LYS A 171 35.47 -14.54 10.26
CA LYS A 171 34.23 -14.13 9.60
C LYS A 171 34.51 -13.24 8.41
N ILE A 172 33.91 -13.55 7.27
CA ILE A 172 34.06 -12.73 6.07
C ILE A 172 32.74 -12.11 5.58
N ASP A 173 31.60 -12.71 5.92
CA ASP A 173 30.31 -12.20 5.46
C ASP A 173 29.22 -12.98 6.20
N ASN A 174 28.02 -12.96 5.65
CA ASN A 174 26.88 -13.69 6.19
C ASN A 174 26.08 -14.23 5.00
N ILE A 175 25.69 -15.48 5.04
CA ILE A 175 25.06 -16.14 3.88
C ILE A 175 23.71 -15.54 3.49
N ASN A 176 23.18 -14.65 4.31
CA ASN A 176 21.92 -13.98 4.05
C ASN A 176 22.09 -12.58 3.47
N SER A 177 23.33 -12.13 3.35
CA SER A 177 23.59 -10.80 2.80
C SER A 177 23.58 -10.77 1.28
N SER A 178 23.66 -9.56 0.73
CA SER A 178 23.72 -9.41 -0.71
C SER A 178 25.13 -9.60 -1.28
N THR A 179 26.14 -9.67 -0.41
CA THR A 179 27.53 -9.70 -0.85
C THR A 179 28.27 -11.02 -0.59
N ALA A 180 27.66 -11.97 0.10
CA ALA A 180 28.39 -13.18 0.48
C ALA A 180 28.80 -14.01 -0.74
N PRO A 181 29.99 -14.58 -0.72
CA PRO A 181 30.41 -15.41 -1.85
C PRO A 181 29.69 -16.76 -1.89
N LEU A 182 29.10 -17.16 -0.76
CA LEU A 182 28.20 -18.31 -0.69
C LEU A 182 26.92 -17.81 -0.02
N LYS A 183 25.79 -18.05 -0.67
CA LYS A 183 24.50 -17.55 -0.21
C LYS A 183 23.49 -18.66 -0.08
N ALA A 184 22.62 -18.54 0.92
CA ALA A 184 21.43 -19.40 1.00
C ALA A 184 20.53 -19.15 -0.22
N LYS A 185 19.71 -20.13 -0.58
CA LYS A 185 18.76 -19.95 -1.68
C LYS A 185 17.84 -18.78 -1.38
N GLY A 186 17.56 -17.96 -2.39
CA GLY A 186 16.67 -16.85 -2.24
C GLY A 186 15.22 -17.31 -2.19
N THR A 187 14.72 -17.52 -0.98
CA THR A 187 13.36 -17.97 -0.78
C THR A 187 12.98 -17.69 0.67
N SER A 188 11.75 -18.01 1.03
CA SER A 188 11.30 -17.92 2.41
C SER A 188 11.82 -19.09 3.23
N TYR A 189 12.09 -18.81 4.50
CA TYR A 189 12.39 -19.82 5.49
C TYR A 189 11.51 -19.58 6.72
N ILE A 190 11.10 -20.64 7.40
CA ILE A 190 10.45 -20.51 8.69
C ILE A 190 11.49 -20.70 9.79
N ASN A 191 11.65 -19.67 10.64
CA ASN A 191 12.51 -19.72 11.80
C ASN A 191 11.72 -19.93 13.08
N LEU A 192 12.32 -20.66 14.03
CA LEU A 192 11.74 -20.88 15.33
C LEU A 192 12.76 -20.50 16.41
N VAL A 193 12.32 -19.73 17.39
CA VAL A 193 13.10 -19.52 18.61
C VAL A 193 12.22 -19.88 19.80
N TYR A 194 12.85 -20.11 20.95
CA TYR A 194 12.10 -20.49 22.14
C TYR A 194 12.70 -19.86 23.39
N SER A 195 11.87 -19.79 24.43
CA SER A 195 12.28 -19.29 25.74
C SER A 195 11.82 -20.26 26.82
N ASP A 196 12.74 -20.59 27.71
CA ASP A 196 12.46 -21.47 28.85
C ASP A 196 12.40 -20.70 30.16
N ASP A 197 12.41 -19.38 30.08
CA ASP A 197 12.37 -18.57 31.29
C ASP A 197 11.30 -17.48 31.22
N ASP A 198 10.16 -17.85 30.65
CA ASP A 198 8.99 -16.97 30.61
C ASP A 198 9.23 -15.73 29.75
N GLY A 199 10.07 -15.87 28.72
CA GLY A 199 10.23 -14.83 27.73
C GLY A 199 11.39 -13.88 27.98
N LYS A 200 12.16 -14.11 29.04
CA LYS A 200 13.29 -13.21 29.32
C LYS A 200 14.42 -13.39 28.34
N THR A 201 14.76 -14.65 28.03
CA THR A 201 15.82 -14.93 27.06
C THR A 201 15.32 -15.92 26.03
N TRP A 202 15.93 -15.84 24.84
CA TRP A 202 15.48 -16.58 23.67
C TRP A 202 16.64 -17.29 23.00
N SER A 203 16.37 -18.45 22.43
CA SER A 203 17.35 -19.20 21.67
C SER A 203 17.69 -18.50 20.36
N GLU A 204 18.73 -19.01 19.70
CA GLU A 204 19.01 -18.61 18.33
C GLU A 204 18.06 -19.31 17.39
N PRO A 205 17.83 -18.73 16.21
CA PRO A 205 16.85 -19.30 15.29
C PRO A 205 17.21 -20.70 14.80
N GLN A 206 16.20 -21.55 14.78
CA GLN A 206 16.28 -22.82 14.11
C GLN A 206 15.48 -22.72 12.82
N ASN A 207 16.12 -23.06 11.70
CA ASN A 207 15.48 -23.06 10.39
C ASN A 207 14.76 -24.38 10.21
N ILE A 208 13.44 -24.38 10.23
CA ILE A 208 12.66 -25.61 10.16
C ILE A 208 12.07 -25.87 8.78
N ASN A 209 12.55 -25.14 7.77
CA ASN A 209 12.03 -25.29 6.41
C ASN A 209 12.04 -26.74 5.92
N PHE A 210 13.07 -27.48 6.31
CA PHE A 210 13.22 -28.88 5.87
C PHE A 210 12.08 -29.78 6.35
N GLN A 211 11.40 -29.40 7.43
CA GLN A 211 10.31 -30.19 7.97
C GLN A 211 8.95 -29.82 7.43
N VAL A 212 8.79 -28.57 6.99
CA VAL A 212 7.45 -28.07 6.69
C VAL A 212 7.22 -27.55 5.27
N LYS A 213 8.27 -27.31 4.50
CA LYS A 213 8.10 -26.72 3.17
C LYS A 213 8.29 -27.74 2.06
N LYS A 214 7.30 -27.85 1.18
CA LYS A 214 7.33 -28.82 0.09
C LYS A 214 8.08 -28.26 -1.12
N ASP A 215 8.49 -29.13 -2.03
N ASP A 215 8.48 -29.14 -2.02
CA ASP A 215 9.32 -28.71 -3.16
CA ASP A 215 9.29 -28.78 -3.19
C ASP A 215 8.56 -27.87 -4.18
C ASP A 215 8.56 -27.83 -4.13
N TRP A 216 7.23 -27.88 -4.10
CA TRP A 216 6.41 -27.10 -5.02
C TRP A 216 5.92 -25.78 -4.43
N MET A 217 6.27 -25.51 -3.18
CA MET A 217 5.90 -24.23 -2.55
C MET A 217 6.95 -23.18 -2.88
N LYS A 218 6.48 -21.98 -3.21
CA LYS A 218 7.37 -20.86 -3.47
C LYS A 218 7.55 -20.05 -2.18
N PHE A 219 6.51 -19.34 -1.78
CA PHE A 219 6.48 -18.71 -0.46
C PHE A 219 5.82 -19.66 0.53
N LEU A 220 6.39 -19.77 1.74
CA LEU A 220 5.70 -20.37 2.88
C LEU A 220 6.04 -19.50 4.07
N GLY A 221 5.03 -18.89 4.67
CA GLY A 221 5.25 -17.95 5.75
C GLY A 221 4.35 -18.16 6.94
N ILE A 222 4.80 -17.67 8.08
CA ILE A 222 3.98 -17.56 9.27
C ILE A 222 2.80 -16.65 8.97
N ALA A 223 1.61 -17.03 9.43
CA ALA A 223 0.47 -16.12 9.44
C ALA A 223 0.48 -15.46 10.82
N PRO A 224 0.78 -14.15 10.87
CA PRO A 224 1.16 -13.57 12.16
C PRO A 224 0.03 -13.47 13.17
N GLY A 225 0.42 -13.57 14.44
CA GLY A 225 -0.48 -13.51 15.56
C GLY A 225 -0.10 -14.53 16.60
N ARG A 226 -0.90 -15.57 16.71
CA ARG A 226 -0.66 -16.62 17.69
C ARG A 226 -1.00 -18.00 17.17
N GLY A 227 -0.53 -19.00 17.89
CA GLY A 227 -0.97 -20.36 17.67
C GLY A 227 -1.86 -20.84 18.80
N ILE A 228 -2.13 -22.14 18.84
CA ILE A 228 -2.87 -22.75 19.93
C ILE A 228 -2.22 -24.06 20.31
N GLN A 229 -2.60 -24.57 21.48
CA GLN A 229 -2.31 -25.94 21.86
C GLN A 229 -3.66 -26.60 22.12
N ILE A 230 -3.91 -27.73 21.45
CA ILE A 230 -5.22 -28.36 21.51
C ILE A 230 -5.51 -28.87 22.91
N LYS A 231 -6.73 -28.62 23.38
CA LYS A 231 -7.13 -28.98 24.73
C LYS A 231 -7.99 -30.24 24.85
N ASN A 232 -8.73 -30.55 23.79
N ASN A 232 -8.76 -30.54 23.82
CA ASN A 232 -9.72 -31.62 23.83
CA ASN A 232 -9.69 -31.67 23.90
C ASN A 232 -9.52 -32.65 22.72
C ASN A 232 -9.64 -32.61 22.71
N GLY A 233 -9.99 -33.86 22.96
CA GLY A 233 -10.03 -34.87 21.91
C GLY A 233 -8.72 -35.58 21.70
N GLU A 234 -8.64 -36.30 20.58
CA GLU A 234 -7.51 -37.19 20.36
C GLU A 234 -6.18 -36.47 20.12
N HIS A 235 -6.22 -35.17 19.79
CA HIS A 235 -5.00 -34.43 19.53
C HIS A 235 -4.62 -33.47 20.64
N LYS A 236 -5.16 -33.70 21.85
CA LYS A 236 -4.78 -32.90 23.00
C LYS A 236 -3.26 -32.81 23.12
N GLY A 237 -2.75 -31.60 23.31
CA GLY A 237 -1.32 -31.38 23.44
C GLY A 237 -0.63 -30.94 22.16
N ARG A 238 -1.28 -31.17 21.01
CA ARG A 238 -0.71 -30.74 19.74
C ARG A 238 -0.60 -29.21 19.68
N ILE A 239 0.57 -28.73 19.28
CA ILE A 239 0.81 -27.30 19.09
C ILE A 239 0.58 -26.96 17.63
N VAL A 240 -0.28 -25.98 17.37
CA VAL A 240 -0.76 -25.67 16.02
C VAL A 240 -0.44 -24.21 15.70
N VAL A 241 0.25 -24.00 14.58
CA VAL A 241 0.72 -22.68 14.18
C VAL A 241 0.25 -22.38 12.76
N PRO A 242 -0.65 -21.38 12.61
CA PRO A 242 -1.11 -20.96 11.28
C PRO A 242 0.00 -20.47 10.35
N VAL A 243 -0.10 -20.89 9.09
CA VAL A 243 0.82 -20.49 8.02
C VAL A 243 0.03 -20.31 6.72
N TYR A 244 0.71 -19.84 5.68
CA TYR A 244 0.13 -19.88 4.35
C TYR A 244 1.26 -19.93 3.35
N TYR A 245 0.93 -20.39 2.14
CA TYR A 245 1.95 -20.59 1.12
C TYR A 245 1.43 -20.30 -0.26
N THR A 246 2.36 -20.12 -1.19
CA THR A 246 2.01 -20.06 -2.60
C THR A 246 2.54 -21.27 -3.34
N ASN A 247 1.83 -21.64 -4.39
CA ASN A 247 2.27 -22.68 -5.31
C ASN A 247 3.12 -22.08 -6.41
N GLU A 248 3.47 -22.92 -7.38
CA GLU A 248 4.33 -22.52 -8.49
C GLU A 248 3.72 -21.37 -9.30
N LYS A 249 2.38 -21.30 -9.33
CA LYS A 249 1.68 -20.24 -10.04
C LYS A 249 1.45 -18.98 -9.21
N GLY A 250 1.95 -18.99 -7.97
CA GLY A 250 1.89 -17.81 -7.11
C GLY A 250 0.58 -17.63 -6.36
N LYS A 251 -0.27 -18.65 -6.37
CA LYS A 251 -1.57 -18.53 -5.69
C LYS A 251 -1.49 -19.02 -4.25
N GLN A 252 -2.14 -18.27 -3.35
CA GLN A 252 -2.05 -18.46 -1.90
C GLN A 252 -3.09 -19.41 -1.33
N SER A 253 -2.63 -20.25 -0.39
CA SER A 253 -3.47 -21.17 0.35
C SER A 253 -3.02 -21.26 1.81
N SER A 254 -3.97 -21.22 2.73
CA SER A 254 -3.71 -21.31 4.18
C SER A 254 -3.43 -22.74 4.60
N ALA A 255 -2.78 -22.91 5.75
CA ALA A 255 -2.63 -24.23 6.37
C ALA A 255 -2.18 -24.02 7.80
N VAL A 256 -1.91 -25.11 8.51
CA VAL A 256 -1.21 -25.02 9.80
C VAL A 256 -0.04 -25.97 9.79
N ILE A 257 1.01 -25.60 10.53
CA ILE A 257 2.04 -26.57 10.88
C ILE A 257 1.77 -26.99 12.32
N TYR A 258 2.22 -28.18 12.68
CA TYR A 258 1.92 -28.66 14.02
C TYR A 258 2.99 -29.60 14.54
N SER A 259 3.06 -29.69 15.87
CA SER A 259 4.01 -30.53 16.57
C SER A 259 3.31 -31.32 17.67
N ASP A 260 3.57 -32.62 17.71
CA ASP A 260 3.01 -33.50 18.75
C ASP A 260 4.07 -33.83 19.81
N ASP A 261 5.26 -33.26 19.67
CA ASP A 261 6.36 -33.56 20.60
C ASP A 261 6.98 -32.32 21.21
N SER A 262 6.10 -31.42 21.64
CA SER A 262 6.49 -30.24 22.40
C SER A 262 7.41 -29.32 21.61
N GLY A 263 7.20 -29.27 20.29
CA GLY A 263 7.91 -28.34 19.44
C GLY A 263 9.21 -28.83 18.86
N LYS A 264 9.56 -30.09 19.13
N LYS A 264 9.55 -30.08 19.15
CA LYS A 264 10.82 -30.61 18.61
CA LYS A 264 10.79 -30.67 18.65
C LYS A 264 10.76 -30.90 17.12
C LYS A 264 10.74 -30.90 17.15
N ASN A 265 9.64 -31.45 16.66
CA ASN A 265 9.45 -31.74 15.25
C ASN A 265 8.12 -31.20 14.76
N TRP A 266 8.09 -30.80 13.50
CA TRP A 266 6.95 -30.14 12.91
C TRP A 266 6.58 -30.79 11.60
N THR A 267 5.31 -30.70 11.25
CA THR A 267 4.89 -31.04 9.89
C THR A 267 3.78 -30.10 9.46
N ILE A 268 3.55 -30.02 8.16
CA ILE A 268 2.50 -29.16 7.63
C ILE A 268 1.30 -30.02 7.25
N GLY A 269 0.11 -29.51 7.53
CA GLY A 269 -1.09 -30.19 7.11
C GLY A 269 -1.50 -29.77 5.72
N GLU A 270 -2.59 -30.34 5.22
CA GLU A 270 -3.20 -29.86 3.99
C GLU A 270 -3.79 -28.47 4.17
N SER A 271 -4.00 -27.78 3.07
CA SER A 271 -4.76 -26.54 3.07
C SER A 271 -6.26 -26.82 2.99
N PRO A 272 -7.10 -25.91 3.49
CA PRO A 272 -8.52 -25.98 3.15
C PRO A 272 -8.74 -25.87 1.64
N ASN A 273 -7.77 -25.37 0.88
CA ASN A 273 -7.90 -25.40 -0.59
C ASN A 273 -7.66 -26.78 -1.21
N ASP A 274 -7.19 -27.75 -0.43
CA ASP A 274 -6.97 -29.10 -0.95
C ASP A 274 -8.28 -29.87 -0.96
N ASN A 275 -8.74 -30.22 -2.16
CA ASN A 275 -10.04 -30.88 -2.35
C ASN A 275 -11.20 -30.02 -1.89
N ARG A 276 -11.03 -28.71 -1.99
CA ARG A 276 -12.09 -27.79 -1.65
C ARG A 276 -13.16 -27.79 -2.73
N LYS A 277 -14.42 -27.79 -2.32
CA LYS A 277 -15.53 -27.63 -3.24
C LYS A 277 -15.96 -26.17 -3.28
N LEU A 278 -15.82 -25.56 -4.44
CA LEU A 278 -16.18 -24.15 -4.60
C LEU A 278 -17.69 -24.01 -4.76
N GLU A 279 -18.16 -22.76 -4.67
CA GLU A 279 -19.58 -22.47 -4.81
C GLU A 279 -20.12 -22.96 -6.16
N ASN A 280 -19.29 -22.91 -7.19
CA ASN A 280 -19.71 -23.36 -8.52
C ASN A 280 -19.73 -24.88 -8.65
N GLY A 281 -19.33 -25.57 -7.59
CA GLY A 281 -19.40 -27.02 -7.54
C GLY A 281 -18.09 -27.70 -7.91
N LYS A 282 -17.14 -26.93 -8.41
CA LYS A 282 -15.85 -27.47 -8.83
C LYS A 282 -14.92 -27.75 -7.65
N ILE A 283 -13.99 -28.68 -7.85
CA ILE A 283 -13.01 -29.07 -6.83
C ILE A 283 -11.65 -28.51 -7.22
N ILE A 284 -10.94 -27.94 -6.24
CA ILE A 284 -9.60 -27.42 -6.47
C ILE A 284 -8.58 -28.05 -5.54
N ASN A 285 -7.31 -27.72 -5.75
CA ASN A 285 -6.23 -28.16 -4.88
C ASN A 285 -5.24 -27.02 -4.74
N SER A 286 -4.57 -26.91 -3.60
CA SER A 286 -3.61 -25.83 -3.40
C SER A 286 -2.40 -25.95 -4.32
N LYS A 287 -2.06 -27.16 -4.74
CA LYS A 287 -0.91 -27.33 -5.61
C LYS A 287 -1.18 -26.79 -7.01
N THR A 288 -2.42 -26.91 -7.45
CA THR A 288 -2.76 -26.61 -8.83
C THR A 288 -3.56 -25.32 -9.00
N LEU A 289 -4.00 -24.71 -7.90
CA LEU A 289 -4.82 -23.49 -7.98
C LEU A 289 -4.20 -22.46 -8.90
N SER A 290 -4.97 -22.00 -9.89
N SER A 290 -4.97 -22.00 -9.88
CA SER A 290 -4.45 -21.09 -10.90
CA SER A 290 -4.47 -21.10 -10.92
C SER A 290 -5.27 -19.81 -11.01
C SER A 290 -5.25 -19.79 -10.98
N ASP A 291 -6.23 -19.65 -10.11
CA ASP A 291 -7.10 -18.47 -10.10
C ASP A 291 -6.95 -17.69 -8.81
N ASP A 292 -7.17 -16.39 -8.87
CA ASP A 292 -7.03 -15.53 -7.69
C ASP A 292 -8.19 -15.65 -6.72
N ALA A 293 -9.40 -15.84 -7.25
CA ALA A 293 -10.58 -15.73 -6.42
C ALA A 293 -10.67 -16.67 -5.21
N PRO A 294 -10.25 -17.93 -5.34
CA PRO A 294 -10.36 -18.83 -4.18
C PRO A 294 -9.19 -18.76 -3.18
N GLN A 295 -8.27 -17.83 -3.34
CA GLN A 295 -7.10 -17.79 -2.46
C GLN A 295 -7.49 -17.64 -0.99
N LEU A 296 -6.73 -18.32 -0.14
CA LEU A 296 -6.90 -18.29 1.33
C LEU A 296 -5.52 -17.96 1.86
N THR A 297 -5.41 -16.95 2.72
CA THR A 297 -4.07 -16.44 3.02
C THR A 297 -3.77 -16.47 4.52
N GLU A 298 -3.45 -15.33 5.12
CA GLU A 298 -3.22 -15.28 6.57
C GLU A 298 -4.43 -15.83 7.30
N CYS A 299 -4.19 -16.44 8.45
CA CYS A 299 -5.26 -17.11 9.17
C CYS A 299 -4.89 -17.27 10.63
N GLN A 300 -5.91 -17.54 11.44
CA GLN A 300 -5.76 -17.85 12.86
C GLN A 300 -6.74 -18.97 13.17
N VAL A 301 -6.41 -19.77 14.18
CA VAL A 301 -7.15 -21.00 14.45
C VAL A 301 -7.71 -21.01 15.87
N VAL A 302 -8.91 -21.54 16.05
CA VAL A 302 -9.49 -21.74 17.37
C VAL A 302 -10.09 -23.13 17.48
N GLU A 303 -10.38 -23.54 18.71
CA GLU A 303 -10.80 -24.91 19.00
C GLU A 303 -12.25 -24.92 19.49
N MET A 304 -13.03 -25.86 18.95
CA MET A 304 -14.41 -26.04 19.36
C MET A 304 -14.51 -26.92 20.60
N PRO A 305 -15.71 -27.01 21.21
CA PRO A 305 -15.82 -27.74 22.48
C PRO A 305 -15.36 -29.19 22.45
N ASN A 306 -15.48 -29.85 21.30
CA ASN A 306 -15.07 -31.25 21.18
C ASN A 306 -13.64 -31.43 20.65
N GLY A 307 -12.94 -30.33 20.41
CA GLY A 307 -11.59 -30.40 19.86
C GLY A 307 -11.49 -30.02 18.39
N GLN A 308 -12.61 -29.96 17.69
CA GLN A 308 -12.61 -29.61 16.28
C GLN A 308 -11.94 -28.25 16.06
N LEU A 309 -11.17 -28.12 14.98
CA LEU A 309 -10.50 -26.86 14.69
C LEU A 309 -11.24 -26.04 13.65
N LYS A 310 -11.22 -24.73 13.87
CA LYS A 310 -11.77 -23.75 12.95
C LYS A 310 -10.65 -22.80 12.53
N LEU A 311 -10.42 -22.71 11.22
CA LEU A 311 -9.41 -21.82 10.66
C LEU A 311 -10.09 -20.60 10.04
N PHE A 312 -9.89 -19.43 10.64
CA PHE A 312 -10.47 -18.17 10.18
C PHE A 312 -9.46 -17.54 9.23
N MET A 313 -9.88 -17.19 8.01
CA MET A 313 -8.92 -16.89 6.95
C MET A 313 -9.20 -15.59 6.21
N ARG A 314 -8.14 -14.80 6.03
CA ARG A 314 -8.10 -13.72 5.06
C ARG A 314 -8.29 -14.28 3.66
N ASN A 315 -9.08 -13.60 2.85
CA ASN A 315 -9.46 -14.14 1.54
C ASN A 315 -9.95 -12.99 0.67
N LEU A 316 -10.44 -13.29 -0.53
CA LEU A 316 -10.82 -12.23 -1.47
C LEU A 316 -12.32 -12.08 -1.67
N SER A 317 -13.12 -12.76 -0.85
CA SER A 317 -14.57 -12.70 -1.01
C SER A 317 -15.21 -11.44 -0.45
N GLY A 318 -14.46 -10.69 0.37
CA GLY A 318 -15.02 -9.55 1.08
C GLY A 318 -15.57 -9.87 2.45
N TYR A 319 -15.67 -11.16 2.77
CA TYR A 319 -16.23 -11.64 4.03
C TYR A 319 -15.36 -12.70 4.65
N LEU A 320 -15.54 -12.92 5.94
CA LEU A 320 -14.81 -13.95 6.65
C LEU A 320 -15.01 -15.34 6.03
N ASN A 321 -13.93 -16.10 5.94
CA ASN A 321 -14.01 -17.50 5.53
C ASN A 321 -13.55 -18.38 6.68
N ILE A 322 -14.21 -19.53 6.86
CA ILE A 322 -13.94 -20.42 7.99
C ILE A 322 -13.85 -21.86 7.49
N ALA A 323 -12.73 -22.52 7.78
CA ALA A 323 -12.55 -23.93 7.44
C ALA A 323 -12.60 -24.77 8.71
N THR A 324 -12.92 -26.05 8.54
CA THR A 324 -13.13 -26.97 9.65
C THR A 324 -12.24 -28.20 9.52
N SER A 325 -11.58 -28.60 10.60
CA SER A 325 -10.77 -29.82 10.60
C SER A 325 -11.19 -30.78 11.70
N PHE A 326 -11.39 -32.04 11.31
CA PHE A 326 -11.77 -33.10 12.22
C PHE A 326 -10.58 -33.90 12.72
N ASP A 327 -9.38 -33.60 12.24
CA ASP A 327 -8.21 -34.43 12.54
C ASP A 327 -7.02 -33.60 13.02
N GLY A 328 -7.33 -32.54 13.76
CA GLY A 328 -6.29 -31.75 14.40
C GLY A 328 -5.42 -30.93 13.47
N GLY A 329 -5.98 -30.55 12.31
CA GLY A 329 -5.27 -29.72 11.36
C GLY A 329 -4.57 -30.46 10.25
N ALA A 330 -4.65 -31.79 10.22
CA ALA A 330 -4.03 -32.55 9.13
C ALA A 330 -4.74 -32.32 7.80
N THR A 331 -6.07 -32.28 7.84
CA THR A 331 -6.88 -32.03 6.65
C THR A 331 -8.09 -31.18 7.01
N TRP A 332 -8.79 -30.66 6.01
CA TRP A 332 -9.95 -29.79 6.22
C TRP A 332 -11.13 -30.30 5.41
N ASP A 333 -12.33 -30.07 5.92
CA ASP A 333 -13.55 -30.38 5.22
C ASP A 333 -13.62 -29.59 3.90
N GLU A 334 -14.32 -30.15 2.92
CA GLU A 334 -14.38 -29.56 1.59
C GLU A 334 -15.08 -28.21 1.52
N THR A 335 -15.90 -27.89 2.52
CA THR A 335 -16.68 -26.66 2.48
C THR A 335 -16.02 -25.57 3.31
N VAL A 336 -15.66 -24.48 2.65
CA VAL A 336 -15.21 -23.29 3.36
C VAL A 336 -16.41 -22.37 3.51
N GLU A 337 -16.79 -22.11 4.75
CA GLU A 337 -17.92 -21.26 5.08
C GLU A 337 -17.58 -19.80 4.83
N LYS A 338 -18.51 -19.08 4.20
CA LYS A 338 -18.43 -17.63 4.10
C LYS A 338 -19.43 -17.03 5.07
N ASP A 339 -18.93 -16.32 6.08
CA ASP A 339 -19.82 -15.73 7.07
C ASP A 339 -20.03 -14.27 6.70
N THR A 340 -21.18 -13.98 6.10
CA THR A 340 -21.46 -12.64 5.60
C THR A 340 -21.85 -11.65 6.69
N ASN A 341 -21.85 -12.10 7.94
CA ASN A 341 -22.00 -11.18 9.06
C ASN A 341 -20.70 -10.49 9.42
N VAL A 342 -19.59 -10.91 8.82
CA VAL A 342 -18.28 -10.40 9.18
C VAL A 342 -17.50 -9.97 7.93
N LEU A 343 -17.45 -8.67 7.69
CA LEU A 343 -16.65 -8.15 6.59
C LEU A 343 -15.17 -8.48 6.79
N GLU A 344 -14.47 -8.67 5.69
CA GLU A 344 -13.05 -9.03 5.69
C GLU A 344 -12.46 -8.31 4.48
N PRO A 345 -11.80 -7.17 4.71
CA PRO A 345 -11.34 -6.31 3.61
C PRO A 345 -9.92 -6.70 3.20
N TYR A 346 -9.59 -7.99 3.19
CA TYR A 346 -8.28 -8.54 2.75
C TYR A 346 -7.18 -8.04 3.68
N CYS A 347 -7.26 -8.46 4.93
CA CYS A 347 -6.37 -8.01 5.98
C CYS A 347 -6.27 -9.12 7.01
N GLN A 348 -5.16 -9.15 7.75
CA GLN A 348 -5.03 -10.08 8.85
C GLN A 348 -6.13 -9.84 9.87
N LEU A 349 -6.49 -10.92 10.57
CA LEU A 349 -7.51 -10.91 11.62
C LEU A 349 -6.97 -11.67 12.83
N SER A 350 -7.57 -11.42 13.99
CA SER A 350 -7.26 -12.16 15.20
C SER A 350 -8.52 -12.82 15.74
N VAL A 351 -8.40 -14.06 16.16
CA VAL A 351 -9.48 -14.75 16.85
C VAL A 351 -8.85 -15.63 17.91
N ILE A 352 -9.46 -15.66 19.09
CA ILE A 352 -8.99 -16.48 20.20
C ILE A 352 -10.15 -17.15 20.90
N ASN A 353 -9.89 -18.29 21.52
CA ASN A 353 -10.86 -18.86 22.46
C ASN A 353 -10.91 -18.02 23.72
N TYR A 354 -12.11 -17.90 24.29
CA TYR A 354 -12.27 -17.27 25.60
C TYR A 354 -12.51 -18.39 26.63
N SER A 355 -11.94 -18.24 27.82
CA SER A 355 -11.87 -19.35 28.77
C SER A 355 -13.16 -19.65 29.54
N GLN A 356 -14.10 -18.72 29.58
CA GLN A 356 -15.35 -18.99 30.30
C GLN A 356 -16.56 -18.74 29.41
N LYS A 357 -17.66 -19.38 29.74
CA LYS A 357 -18.86 -19.22 28.95
C LYS A 357 -19.40 -17.81 29.07
N ILE A 358 -20.03 -17.36 28.00
CA ILE A 358 -20.70 -16.08 27.96
C ILE A 358 -22.14 -16.37 27.54
N ASP A 359 -23.09 -15.87 28.32
CA ASP A 359 -24.50 -16.16 28.08
C ASP A 359 -24.78 -17.66 27.93
N GLY A 360 -24.05 -18.45 28.72
CA GLY A 360 -24.26 -19.88 28.73
C GLY A 360 -23.61 -20.64 27.58
N LYS A 361 -22.83 -19.96 26.75
CA LYS A 361 -22.22 -20.58 25.57
C LYS A 361 -20.71 -20.46 25.56
N ASP A 362 -20.05 -21.44 24.98
CA ASP A 362 -18.62 -21.30 24.69
C ASP A 362 -18.43 -20.19 23.67
N ALA A 363 -17.36 -19.43 23.81
CA ALA A 363 -17.19 -18.21 23.03
C ALA A 363 -15.80 -18.04 22.48
N VAL A 364 -15.71 -17.28 21.38
CA VAL A 364 -14.45 -16.75 20.86
C VAL A 364 -14.51 -15.23 20.86
N ILE A 365 -13.33 -14.61 20.82
CA ILE A 365 -13.20 -13.16 20.68
C ILE A 365 -12.50 -12.93 19.35
N PHE A 366 -12.99 -11.97 18.58
CA PHE A 366 -12.52 -11.73 17.20
C PHE A 366 -12.21 -10.24 17.00
N SER A 367 -11.16 -9.95 16.24
CA SER A 367 -10.75 -8.57 15.94
C SER A 367 -10.36 -8.44 14.48
N ASN A 368 -10.91 -7.44 13.80
CA ASN A 368 -10.46 -7.08 12.45
C ASN A 368 -11.07 -5.73 12.08
N PRO A 369 -10.72 -5.20 10.89
CA PRO A 369 -11.38 -3.99 10.39
C PRO A 369 -12.74 -4.35 9.79
N ASN A 370 -13.81 -3.84 10.40
CA ASN A 370 -15.17 -4.16 9.97
C ASN A 370 -15.60 -3.17 8.88
N ALA A 371 -15.07 -3.35 7.68
CA ALA A 371 -15.32 -2.43 6.59
C ALA A 371 -14.84 -3.06 5.30
N ARG A 372 -15.01 -2.33 4.20
CA ARG A 372 -14.42 -2.75 2.93
C ARG A 372 -13.04 -2.11 2.73
N SER A 373 -12.49 -1.58 3.82
CA SER A 373 -11.16 -0.99 3.86
C SER A 373 -10.62 -1.27 5.24
N ARG A 374 -9.37 -0.87 5.47
CA ARG A 374 -8.72 -1.11 6.76
C ARG A 374 -9.06 -0.02 7.74
N SER A 375 -10.26 -0.11 8.29
CA SER A 375 -10.83 0.91 9.15
C SER A 375 -11.90 0.30 10.03
N ASN A 376 -12.47 1.10 10.92
CA ASN A 376 -13.61 0.68 11.75
C ASN A 376 -13.26 -0.59 12.54
N GLY A 377 -12.14 -0.51 13.27
CA GLY A 377 -11.64 -1.66 13.99
C GLY A 377 -12.62 -2.11 15.06
N THR A 378 -12.99 -3.38 15.01
CA THR A 378 -14.12 -3.89 15.77
C THR A 378 -13.77 -5.21 16.44
N VAL A 379 -14.09 -5.29 17.73
CA VAL A 379 -13.92 -6.53 18.50
C VAL A 379 -15.28 -7.15 18.72
N ARG A 380 -15.37 -8.44 18.45
CA ARG A 380 -16.63 -9.18 18.53
C ARG A 380 -16.54 -10.33 19.49
N ILE A 381 -17.68 -10.68 20.09
CA ILE A 381 -17.83 -11.92 20.82
C ILE A 381 -18.69 -12.85 19.97
N GLY A 382 -18.15 -14.01 19.63
CA GLY A 382 -18.89 -15.02 18.89
C GLY A 382 -19.22 -16.19 19.77
N LEU A 383 -20.52 -16.47 19.89
CA LEU A 383 -20.99 -17.60 20.69
C LEU A 383 -21.13 -18.81 19.80
N ILE A 384 -20.62 -19.94 20.27
CA ILE A 384 -20.58 -21.16 19.47
C ILE A 384 -21.88 -21.94 19.64
N ASN A 385 -22.49 -22.29 18.51
CA ASN A 385 -23.69 -23.13 18.49
C ASN A 385 -23.44 -24.35 17.61
N GLN A 386 -23.77 -25.53 18.13
CA GLN A 386 -23.85 -26.69 17.25
C GLN A 386 -25.16 -26.58 16.46
N VAL A 387 -25.06 -26.54 15.14
CA VAL A 387 -26.22 -26.30 14.29
C VAL A 387 -26.69 -27.57 13.57
N GLY A 388 -25.94 -28.65 13.72
CA GLY A 388 -26.25 -29.92 13.09
C GLY A 388 -25.06 -30.86 13.14
N THR A 389 -25.02 -31.80 12.20
CA THR A 389 -23.87 -32.68 12.04
C THR A 389 -23.52 -32.79 10.57
N TYR A 390 -22.28 -33.16 10.30
CA TYR A 390 -21.87 -33.48 8.95
C TYR A 390 -22.29 -34.89 8.62
N GLU A 391 -22.14 -35.27 7.37
CA GLU A 391 -22.51 -36.62 6.95
C GLU A 391 -21.66 -37.68 7.64
N ASN A 392 -20.46 -37.32 8.06
CA ASN A 392 -19.59 -38.25 8.79
C ASN A 392 -19.94 -38.35 10.27
N GLY A 393 -20.98 -37.64 10.69
CA GLY A 393 -21.45 -37.71 12.07
C GLY A 393 -20.83 -36.69 13.01
N GLU A 394 -19.82 -35.95 12.56
CA GLU A 394 -19.18 -34.94 13.40
C GLU A 394 -20.07 -33.73 13.62
N PRO A 395 -19.93 -33.07 14.78
CA PRO A 395 -20.72 -31.87 15.05
C PRO A 395 -20.38 -30.74 14.07
N LYS A 396 -21.40 -29.99 13.68
CA LYS A 396 -21.23 -28.82 12.84
C LYS A 396 -21.50 -27.60 13.70
N TYR A 397 -20.50 -26.72 13.77
CA TYR A 397 -20.55 -25.53 14.61
C TYR A 397 -20.54 -24.25 13.78
N GLU A 398 -21.38 -23.28 14.16
CA GLU A 398 -21.33 -21.95 13.58
C GLU A 398 -21.35 -20.92 14.70
N PHE A 399 -21.11 -19.67 14.34
CA PHE A 399 -20.92 -18.61 15.31
C PHE A 399 -22.08 -17.62 15.31
N ASP A 400 -22.47 -17.20 16.50
CA ASP A 400 -23.44 -16.12 16.65
C ASP A 400 -22.64 -14.90 17.11
N TRP A 401 -22.43 -13.95 16.19
CA TRP A 401 -21.68 -12.74 16.49
C TRP A 401 -22.62 -11.79 17.23
N LYS A 402 -22.80 -12.08 18.51
CA LYS A 402 -23.84 -11.45 19.31
C LYS A 402 -23.49 -10.05 19.78
N TYR A 403 -22.20 -9.84 20.07
CA TYR A 403 -21.72 -8.54 20.51
C TYR A 403 -20.62 -8.08 19.57
N ASN A 404 -20.72 -6.83 19.11
CA ASN A 404 -19.80 -6.28 18.12
C ASN A 404 -19.50 -4.84 18.48
N LYS A 405 -18.27 -4.55 18.88
CA LYS A 405 -17.95 -3.25 19.46
C LYS A 405 -16.86 -2.53 18.68
N LEU A 406 -17.16 -1.32 18.21
CA LEU A 406 -16.16 -0.48 17.56
C LEU A 406 -15.15 -0.04 18.62
N VAL A 407 -13.87 -0.34 18.38
CA VAL A 407 -12.81 0.05 19.31
C VAL A 407 -11.83 1.07 18.71
N LYS A 408 -11.76 1.15 17.38
CA LYS A 408 -10.82 2.07 16.74
C LYS A 408 -11.42 2.70 15.49
N PRO A 409 -11.97 3.91 15.64
CA PRO A 409 -12.41 4.69 14.47
C PRO A 409 -11.20 5.02 13.59
N GLY A 410 -11.39 5.03 12.28
CA GLY A 410 -10.29 5.35 11.38
C GLY A 410 -9.44 4.13 11.12
N TYR A 411 -8.14 4.36 10.90
CA TYR A 411 -7.25 3.30 10.42
C TYR A 411 -7.17 2.13 11.38
N TYR A 412 -7.31 0.92 10.85
CA TYR A 412 -7.14 -0.29 11.65
C TYR A 412 -6.73 -1.39 10.70
N ALA A 413 -5.57 -1.98 10.95
CA ALA A 413 -5.09 -3.04 10.10
C ALA A 413 -4.85 -4.32 10.90
N TYR A 414 -3.60 -4.77 11.04
CA TYR A 414 -3.35 -6.05 11.74
C TYR A 414 -3.58 -5.90 13.24
N SER A 415 -3.92 -7.00 13.91
CA SER A 415 -4.20 -6.95 15.33
C SER A 415 -3.96 -8.29 15.98
N CYS A 416 -3.84 -8.31 17.30
CA CYS A 416 -3.75 -9.57 18.03
C CYS A 416 -4.36 -9.42 19.41
N LEU A 417 -5.24 -10.37 19.74
CA LEU A 417 -5.93 -10.43 21.02
C LEU A 417 -5.25 -11.38 22.00
N THR A 418 -5.48 -11.14 23.29
CA THR A 418 -5.21 -12.14 24.31
C THR A 418 -6.22 -12.00 25.44
N GLU A 419 -6.55 -13.12 26.06
CA GLU A 419 -7.27 -13.07 27.33
C GLU A 419 -6.26 -12.77 28.43
N LEU A 420 -6.63 -11.90 29.36
CA LEU A 420 -5.77 -11.51 30.47
C LEU A 420 -6.09 -12.34 31.71
N SER A 421 -5.20 -12.31 32.69
CA SER A 421 -5.39 -13.06 33.93
C SER A 421 -6.68 -12.69 34.65
N ASN A 422 -7.10 -11.43 34.55
CA ASN A 422 -8.31 -10.96 35.22
C ASN A 422 -9.58 -11.25 34.43
N GLY A 423 -9.47 -11.98 33.31
CA GLY A 423 -10.62 -12.29 32.50
C GLY A 423 -10.94 -11.25 31.44
N ASN A 424 -10.22 -10.14 31.47
CA ASN A 424 -10.43 -9.10 30.46
C ASN A 424 -9.67 -9.44 29.18
N ILE A 425 -9.76 -8.55 28.19
CA ILE A 425 -9.19 -8.79 26.87
C ILE A 425 -8.14 -7.71 26.60
N GLY A 426 -6.94 -8.14 26.23
CA GLY A 426 -5.91 -7.24 25.76
C GLY A 426 -5.85 -7.28 24.24
N LEU A 427 -5.50 -6.15 23.64
CA LEU A 427 -5.49 -6.02 22.20
C LEU A 427 -4.34 -5.12 21.78
N LEU A 428 -3.51 -5.61 20.88
CA LEU A 428 -2.42 -4.82 20.28
C LEU A 428 -2.76 -4.68 18.80
N TYR A 429 -2.81 -3.44 18.31
CA TYR A 429 -3.34 -3.22 16.97
C TYR A 429 -2.58 -2.15 16.20
N GLU A 430 -2.60 -2.30 14.88
CA GLU A 430 -2.06 -1.29 13.97
C GLU A 430 -3.10 -0.19 13.78
N GLY A 431 -3.05 0.83 14.64
CA GLY A 431 -3.90 2.00 14.49
C GLY A 431 -3.27 3.09 13.64
N THR A 432 -2.02 2.88 13.22
CA THR A 432 -1.34 3.68 12.21
C THR A 432 -0.75 2.67 11.24
N PRO A 433 -0.41 3.10 10.01
CA PRO A 433 0.13 2.14 9.05
C PRO A 433 1.43 1.47 9.49
N SER A 434 2.37 2.20 10.08
CA SER A 434 3.66 1.59 10.43
C SER A 434 4.44 2.38 11.47
N GLU A 435 3.70 3.07 12.33
N GLU A 435 3.73 3.09 12.34
CA GLU A 435 4.30 3.96 13.30
CA GLU A 435 4.42 3.87 13.37
C GLU A 435 3.95 3.46 14.71
C GLU A 435 4.01 3.46 14.78
N GLU A 436 3.00 4.12 15.36
CA GLU A 436 2.55 3.71 16.69
C GLU A 436 1.69 2.45 16.60
N MET A 437 2.01 1.47 17.44
CA MET A 437 1.24 0.24 17.60
C MET A 437 0.58 0.35 18.98
N SER A 438 -0.74 0.22 19.03
CA SER A 438 -1.49 0.59 20.23
C SER A 438 -1.96 -0.61 21.03
N TYR A 439 -1.87 -0.51 22.35
CA TYR A 439 -2.33 -1.55 23.26
C TYR A 439 -3.47 -1.03 24.12
N ILE A 440 -4.56 -1.80 24.22
CA ILE A 440 -5.65 -1.49 25.14
C ILE A 440 -6.12 -2.75 25.87
N GLU A 441 -6.74 -2.53 27.03
CA GLU A 441 -7.47 -3.56 27.78
C GLU A 441 -8.94 -3.18 27.80
N MET A 442 -9.79 -4.19 27.59
N MET A 442 -9.81 -4.16 27.55
CA MET A 442 -11.24 -4.05 27.58
CA MET A 442 -11.25 -3.95 27.68
C MET A 442 -11.85 -5.11 28.47
C MET A 442 -11.89 -5.11 28.42
N ASN A 443 -12.98 -4.82 29.10
CA ASN A 443 -13.73 -5.89 29.75
C ASN A 443 -14.98 -6.26 28.97
N LEU A 444 -15.62 -7.35 29.39
CA LEU A 444 -16.81 -7.80 28.70
C LEU A 444 -17.95 -6.78 28.81
N LYS A 445 -18.03 -6.05 29.93
CA LYS A 445 -19.03 -4.98 30.05
C LYS A 445 -18.90 -3.99 28.90
N TYR A 446 -17.67 -3.60 28.59
CA TYR A 446 -17.45 -2.70 27.46
C TYR A 446 -17.82 -3.36 26.14
N LEU A 447 -17.35 -4.58 25.90
CA LEU A 447 -17.60 -5.23 24.62
C LEU A 447 -19.07 -5.51 24.36
N GLU A 448 -19.84 -5.69 25.42
CA GLU A 448 -21.27 -5.99 25.30
C GLU A 448 -22.13 -4.74 25.26
N SER A 449 -21.52 -3.58 25.50
CA SER A 449 -22.28 -2.34 25.63
C SER A 449 -22.82 -1.85 24.29
N VAL B 2 12.30 5.51 -41.94
CA VAL B 2 13.72 5.42 -42.19
C VAL B 2 14.31 4.20 -41.48
N GLU B 3 15.51 3.78 -41.89
CA GLU B 3 16.11 2.58 -41.31
C GLU B 3 16.31 2.69 -39.82
N GLY B 4 15.81 1.70 -39.09
CA GLY B 4 15.99 1.66 -37.66
C GLY B 4 14.94 2.42 -36.87
N ALA B 5 14.11 3.20 -37.56
CA ALA B 5 13.05 3.92 -36.87
C ALA B 5 12.06 2.95 -36.24
N VAL B 6 11.68 3.25 -35.00
CA VAL B 6 10.72 2.43 -34.28
C VAL B 6 9.53 3.30 -33.89
N LYS B 7 8.33 2.86 -34.28
CA LYS B 7 7.09 3.42 -33.77
C LYS B 7 6.12 2.25 -33.77
N THR B 8 5.81 1.74 -32.59
CA THR B 8 4.98 0.56 -32.52
C THR B 8 3.54 0.86 -32.91
N GLU B 9 2.85 -0.17 -33.41
CA GLU B 9 1.43 -0.05 -33.71
C GLU B 9 0.68 0.20 -32.40
N PRO B 10 -0.26 1.15 -32.40
CA PRO B 10 -0.93 1.49 -31.14
C PRO B 10 -1.64 0.30 -30.51
N VAL B 11 -1.55 0.20 -29.20
N VAL B 11 -1.57 0.24 -29.19
CA VAL B 11 -2.38 -0.76 -28.48
CA VAL B 11 -2.27 -0.75 -28.37
C VAL B 11 -3.36 0.02 -27.62
C VAL B 11 -3.32 -0.03 -27.52
N ASP B 12 -4.55 -0.54 -27.46
CA ASP B 12 -5.60 0.06 -26.66
C ASP B 12 -5.39 -0.34 -25.21
N LEU B 13 -4.61 0.44 -24.48
CA LEU B 13 -4.27 0.11 -23.10
C LEU B 13 -5.48 0.21 -22.17
N PHE B 14 -6.37 1.15 -22.47
CA PHE B 14 -7.69 1.16 -21.85
C PHE B 14 -8.71 1.27 -22.98
N HIS B 15 -9.90 0.74 -22.76
CA HIS B 15 -10.91 0.68 -23.81
C HIS B 15 -12.23 0.32 -23.14
N PRO B 16 -13.36 0.61 -23.82
CA PRO B 16 -14.66 0.21 -23.26
C PRO B 16 -14.66 -1.26 -22.90
N GLY B 17 -15.14 -1.58 -21.71
CA GLY B 17 -15.21 -2.95 -21.25
C GLY B 17 -14.05 -3.35 -20.34
N PHE B 18 -12.91 -2.67 -20.46
CA PHE B 18 -11.81 -2.98 -19.58
C PHE B 18 -12.20 -2.62 -18.16
N LEU B 19 -12.02 -3.56 -17.23
CA LEU B 19 -12.49 -3.40 -15.85
C LEU B 19 -13.96 -3.02 -15.77
N ASN B 20 -14.72 -3.42 -16.79
N ASN B 20 -14.73 -3.41 -16.79
CA ASN B 20 -16.15 -3.12 -16.87
CA ASN B 20 -16.16 -3.12 -16.83
C ASN B 20 -16.46 -1.63 -16.81
C ASN B 20 -16.47 -1.62 -16.82
N SER B 21 -15.58 -0.83 -17.41
CA SER B 21 -15.83 0.60 -17.56
C SER B 21 -16.14 0.92 -19.01
N SER B 22 -17.23 1.63 -19.22
CA SER B 22 -17.65 1.99 -20.58
C SER B 22 -16.74 3.04 -21.22
N ASN B 23 -16.14 3.90 -20.40
CA ASN B 23 -15.35 5.01 -20.91
C ASN B 23 -14.07 5.21 -20.11
N TYR B 24 -13.12 5.88 -20.75
CA TYR B 24 -11.82 6.17 -20.17
C TYR B 24 -11.35 7.53 -20.64
N ARG B 25 -10.69 8.28 -19.77
CA ARG B 25 -10.03 9.53 -20.15
C ARG B 25 -8.88 9.82 -19.20
N ILE B 26 -7.98 10.70 -19.63
CA ILE B 26 -7.01 11.39 -18.78
C ILE B 26 -5.83 10.52 -18.40
N PRO B 27 -4.90 10.30 -19.35
CA PRO B 27 -3.80 9.37 -19.12
C PRO B 27 -2.64 9.93 -18.29
N ALA B 28 -2.05 9.07 -17.48
CA ALA B 28 -0.80 9.33 -16.80
C ALA B 28 0.08 8.11 -17.00
N LEU B 29 1.38 8.34 -17.17
CA LEU B 29 2.31 7.26 -17.53
C LEU B 29 3.66 7.57 -16.90
N PHE B 30 4.25 6.58 -16.22
CA PHE B 30 5.45 6.81 -15.44
C PHE B 30 6.29 5.54 -15.35
N LYS B 31 7.60 5.66 -15.56
CA LYS B 31 8.52 4.53 -15.35
C LYS B 31 9.14 4.63 -13.97
N THR B 32 9.00 3.57 -13.18
CA THR B 32 9.53 3.57 -11.82
C THR B 32 11.01 3.26 -11.79
N LYS B 33 11.62 3.44 -10.62
CA LYS B 33 13.02 3.13 -10.34
C LYS B 33 13.38 1.70 -10.74
N GLU B 34 12.43 0.79 -10.59
N GLU B 34 12.44 0.78 -10.57
CA GLU B 34 12.66 -0.61 -10.92
CA GLU B 34 12.65 -0.63 -10.91
C GLU B 34 12.44 -0.93 -12.39
C GLU B 34 12.45 -0.92 -12.39
N GLY B 35 12.03 0.08 -13.16
CA GLY B 35 11.82 -0.10 -14.59
C GLY B 35 10.39 -0.46 -14.96
N THR B 36 9.49 -0.49 -13.99
CA THR B 36 8.09 -0.81 -14.23
C THR B 36 7.36 0.38 -14.84
N LEU B 37 6.49 0.13 -15.80
CA LEU B 37 5.62 1.20 -16.28
C LEU B 37 4.30 1.16 -15.53
N ILE B 38 3.89 2.32 -15.03
N ILE B 38 3.91 2.32 -15.02
CA ILE B 38 2.58 2.47 -14.40
CA ILE B 38 2.62 2.51 -14.38
C ILE B 38 1.77 3.44 -15.22
C ILE B 38 1.79 3.43 -15.28
N ALA B 39 0.58 3.01 -15.62
CA ALA B 39 -0.34 3.84 -16.37
C ALA B 39 -1.58 4.00 -15.52
N SER B 40 -1.98 5.24 -15.27
CA SER B 40 -3.24 5.50 -14.58
C SER B 40 -4.18 6.29 -15.47
N ILE B 41 -5.46 6.30 -15.10
CA ILE B 41 -6.51 6.76 -15.99
C ILE B 41 -7.78 6.93 -15.18
N ASP B 42 -8.69 7.77 -15.69
CA ASP B 42 -10.05 7.84 -15.16
C ASP B 42 -10.86 6.73 -15.82
N ALA B 43 -11.43 5.83 -15.01
CA ALA B 43 -12.45 4.88 -15.46
C ALA B 43 -13.78 5.60 -15.30
N ARG B 44 -14.26 6.18 -16.41
CA ARG B 44 -15.46 7.00 -16.40
C ARG B 44 -16.65 6.09 -16.67
N ARG B 45 -17.41 5.78 -15.62
N ARG B 45 -17.40 5.80 -15.61
CA ARG B 45 -18.34 4.66 -15.68
CA ARG B 45 -18.36 4.70 -15.61
C ARG B 45 -19.70 4.97 -16.30
C ARG B 45 -19.69 4.97 -16.30
N GLN B 46 -20.04 6.24 -16.42
CA GLN B 46 -21.35 6.61 -16.98
C GLN B 46 -21.33 7.37 -18.29
N GLY B 47 -20.22 7.36 -18.94
CA GLY B 47 -20.09 8.15 -20.14
C GLY B 47 -18.77 8.88 -20.08
N GLY B 48 -18.52 9.78 -21.01
CA GLY B 48 -17.25 10.47 -21.02
C GLY B 48 -17.20 11.79 -20.28
N ALA B 49 -18.33 12.29 -19.80
CA ALA B 49 -18.39 13.66 -19.29
C ALA B 49 -17.62 13.85 -17.99
N ASP B 50 -17.11 15.05 -17.78
CA ASP B 50 -16.51 15.39 -16.50
C ASP B 50 -17.51 15.33 -15.36
N ALA B 51 -17.00 15.11 -14.15
CA ALA B 51 -17.76 15.39 -12.94
C ALA B 51 -18.35 16.78 -13.07
N PRO B 52 -19.60 17.00 -12.60
CA PRO B 52 -20.40 16.10 -11.79
C PRO B 52 -21.28 15.14 -12.58
N ASN B 53 -21.18 15.16 -13.90
CA ASN B 53 -22.06 14.35 -14.74
C ASN B 53 -21.51 12.97 -15.01
N ASN B 54 -21.11 12.29 -13.94
CA ASN B 54 -20.49 10.98 -14.08
C ASN B 54 -20.29 10.35 -12.70
N ASP B 55 -19.73 9.15 -12.73
CA ASP B 55 -19.25 8.46 -11.54
C ASP B 55 -17.92 7.88 -12.00
N ILE B 56 -16.82 8.48 -11.54
CA ILE B 56 -15.49 8.17 -12.08
C ILE B 56 -14.60 7.55 -11.00
N ASP B 57 -13.95 6.44 -11.34
CA ASP B 57 -13.02 5.73 -10.47
C ASP B 57 -11.62 5.84 -11.06
N THR B 58 -10.59 5.61 -10.25
CA THR B 58 -9.21 5.61 -10.76
C THR B 58 -8.74 4.18 -11.02
N ALA B 59 -8.23 3.94 -12.23
CA ALA B 59 -7.68 2.63 -12.60
C ALA B 59 -6.18 2.73 -12.89
N VAL B 60 -5.49 1.61 -12.68
CA VAL B 60 -4.05 1.50 -12.90
C VAL B 60 -3.71 0.19 -13.59
N ARG B 61 -2.82 0.24 -14.57
CA ARG B 61 -2.19 -0.95 -15.14
C ARG B 61 -0.69 -0.86 -14.99
N ARG B 62 -0.03 -2.02 -14.90
CA ARG B 62 1.43 -2.10 -14.77
C ARG B 62 2.02 -2.98 -15.86
N SER B 63 3.23 -2.63 -16.28
CA SER B 63 4.02 -3.48 -17.16
C SER B 63 5.41 -3.66 -16.59
N GLU B 64 5.85 -4.91 -16.47
CA GLU B 64 7.19 -5.21 -15.95
C GLU B 64 8.16 -5.61 -17.07
N ASP B 65 7.73 -5.50 -18.32
CA ASP B 65 8.62 -5.86 -19.43
C ASP B 65 8.80 -4.72 -20.43
N GLY B 66 8.83 -3.49 -19.92
CA GLY B 66 9.07 -2.35 -20.78
C GLY B 66 7.90 -1.97 -21.68
N GLY B 67 6.69 -2.33 -21.25
CA GLY B 67 5.51 -1.93 -21.98
C GLY B 67 5.05 -2.89 -23.07
N LYS B 68 5.66 -4.07 -23.14
CA LYS B 68 5.26 -5.05 -24.15
C LYS B 68 4.00 -5.79 -23.73
N THR B 69 3.89 -6.11 -22.45
CA THR B 69 2.66 -6.69 -21.90
C THR B 69 2.26 -5.96 -20.63
N TRP B 70 0.96 -5.98 -20.35
CA TRP B 70 0.41 -5.23 -19.23
C TRP B 70 -0.48 -6.13 -18.39
N ASP B 71 -0.62 -5.81 -17.11
CA ASP B 71 -1.40 -6.64 -16.20
C ASP B 71 -2.90 -6.44 -16.39
N GLU B 72 -3.69 -7.07 -15.52
CA GLU B 72 -5.13 -7.06 -15.65
C GLU B 72 -5.79 -5.78 -15.11
N GLY B 73 -4.98 -4.88 -14.57
CA GLY B 73 -5.50 -3.64 -14.04
C GLY B 73 -6.14 -3.77 -12.68
N GLN B 74 -6.33 -2.64 -12.03
CA GLN B 74 -7.06 -2.61 -10.77
C GLN B 74 -7.65 -1.22 -10.59
N ILE B 75 -8.78 -1.16 -9.89
CA ILE B 75 -9.38 0.10 -9.45
C ILE B 75 -8.82 0.42 -8.08
N ILE B 76 -8.29 1.62 -7.90
CA ILE B 76 -7.64 1.95 -6.63
C ILE B 76 -8.38 3.02 -5.84
N MET B 77 -9.33 3.75 -6.47
CA MET B 77 -10.20 4.66 -5.74
C MET B 77 -11.57 4.63 -6.39
N ASP B 78 -12.59 4.48 -5.55
CA ASP B 78 -13.97 4.36 -6.01
C ASP B 78 -14.86 4.94 -4.92
N TYR B 79 -15.54 6.04 -5.22
CA TYR B 79 -16.52 6.63 -4.31
C TYR B 79 -17.91 6.35 -4.84
N PRO B 80 -18.92 6.34 -3.95
CA PRO B 80 -20.25 5.95 -4.37
C PRO B 80 -21.06 7.09 -4.97
N ASP B 81 -22.13 6.73 -5.68
CA ASP B 81 -23.23 7.64 -5.94
C ASP B 81 -22.81 8.92 -6.62
N LYS B 82 -22.00 8.79 -7.67
CA LYS B 82 -21.60 9.91 -8.52
C LYS B 82 -20.68 10.92 -7.83
N SER B 83 -20.05 10.50 -6.73
CA SER B 83 -18.83 11.15 -6.27
C SER B 83 -17.69 10.61 -7.12
N SER B 84 -16.80 11.50 -7.58
CA SER B 84 -15.78 11.13 -8.56
C SER B 84 -14.38 11.50 -8.15
N VAL B 85 -13.43 10.66 -8.57
CA VAL B 85 -12.01 11.02 -8.59
C VAL B 85 -11.65 11.21 -10.05
N ILE B 86 -10.98 12.31 -10.34
CA ILE B 86 -10.76 12.77 -11.70
C ILE B 86 -9.41 13.46 -11.79
N ASP B 87 -8.62 13.11 -12.82
CA ASP B 87 -7.34 13.76 -13.16
C ASP B 87 -6.19 13.27 -12.29
N THR B 88 -5.52 12.21 -12.72
CA THR B 88 -4.43 11.61 -11.95
C THR B 88 -3.06 12.11 -12.36
N THR B 89 -2.11 11.99 -11.44
CA THR B 89 -0.72 12.32 -11.70
C THR B 89 0.17 11.37 -10.91
N LEU B 90 1.31 11.04 -11.48
CA LEU B 90 2.25 10.06 -10.93
C LEU B 90 3.63 10.64 -10.68
N ILE B 91 4.24 10.27 -9.56
CA ILE B 91 5.64 10.61 -9.30
C ILE B 91 6.17 9.65 -8.24
N GLN B 92 7.48 9.47 -8.17
CA GLN B 92 8.10 8.58 -7.19
C GLN B 92 9.21 9.32 -6.47
N ASP B 93 9.36 9.04 -5.17
CA ASP B 93 10.50 9.52 -4.40
C ASP B 93 11.65 8.54 -4.59
N ASP B 94 12.75 9.00 -5.16
CA ASP B 94 13.91 8.12 -5.33
C ASP B 94 14.53 7.65 -4.02
N GLU B 95 14.46 8.47 -2.98
CA GLU B 95 15.11 8.12 -1.72
C GLU B 95 14.43 6.93 -1.05
N THR B 96 13.12 7.02 -0.87
CA THR B 96 12.38 5.99 -0.16
C THR B 96 11.80 4.94 -1.09
N GLY B 97 11.71 5.25 -2.39
CA GLY B 97 11.07 4.35 -3.33
C GLY B 97 9.55 4.48 -3.42
N ARG B 98 8.97 5.30 -2.56
CA ARG B 98 7.53 5.43 -2.52
C ARG B 98 7.01 6.08 -3.81
N ILE B 99 5.99 5.47 -4.39
CA ILE B 99 5.31 6.02 -5.57
C ILE B 99 4.03 6.70 -5.11
N PHE B 100 3.80 7.91 -5.60
CA PHE B 100 2.60 8.69 -5.30
C PHE B 100 1.71 8.81 -6.51
N LEU B 101 0.41 8.69 -6.28
CA LEU B 101 -0.60 9.06 -7.27
C LEU B 101 -1.50 10.07 -6.57
N LEU B 102 -1.70 11.23 -7.19
CA LEU B 102 -2.64 12.21 -6.66
C LEU B 102 -3.77 12.40 -7.65
N VAL B 103 -4.91 12.84 -7.15
CA VAL B 103 -6.09 12.99 -7.99
C VAL B 103 -7.02 14.02 -7.35
N THR B 104 -7.87 14.63 -8.16
CA THR B 104 -8.89 15.54 -7.65
C THR B 104 -10.11 14.73 -7.27
N HIS B 105 -10.76 15.10 -6.18
CA HIS B 105 -11.94 14.40 -5.70
C HIS B 105 -13.09 15.39 -5.49
N PHE B 106 -14.28 15.00 -5.94
CA PHE B 106 -15.51 15.78 -5.68
C PHE B 106 -16.57 14.90 -5.05
N PRO B 107 -17.23 15.39 -4.00
CA PRO B 107 -18.48 14.74 -3.56
C PRO B 107 -19.53 14.75 -4.66
N SER B 108 -20.54 13.91 -4.51
CA SER B 108 -21.64 13.85 -5.46
C SER B 108 -22.23 15.24 -5.70
N LYS B 109 -22.46 15.55 -6.98
CA LYS B 109 -23.08 16.80 -7.47
C LYS B 109 -22.10 17.94 -7.72
N TYR B 110 -20.84 17.78 -7.34
CA TYR B 110 -19.87 18.88 -7.44
C TYR B 110 -18.84 18.70 -8.52
N GLY B 111 -18.39 19.83 -9.05
CA GLY B 111 -17.36 19.87 -10.05
C GLY B 111 -16.74 21.25 -10.09
N PHE B 112 -16.07 21.55 -11.19
CA PHE B 112 -15.34 22.82 -11.38
C PHE B 112 -16.21 24.04 -11.15
N TRP B 113 -17.41 24.05 -11.73
CA TRP B 113 -18.20 25.28 -11.77
C TRP B 113 -18.91 25.61 -10.47
N ASN B 114 -19.28 24.59 -9.70
CA ASN B 114 -20.01 24.83 -8.47
C ASN B 114 -19.23 24.51 -7.19
N ALA B 115 -17.93 24.33 -7.32
CA ALA B 115 -17.10 24.07 -6.15
C ALA B 115 -17.21 25.20 -5.14
N GLY B 116 -17.39 24.86 -3.86
CA GLY B 116 -17.43 25.86 -2.81
C GLY B 116 -16.05 26.42 -2.50
N LEU B 117 -16.00 27.60 -1.91
CA LEU B 117 -14.71 28.18 -1.56
C LEU B 117 -14.03 27.43 -0.43
N GLY B 118 -12.72 27.34 -0.51
CA GLY B 118 -11.92 26.90 0.60
C GLY B 118 -11.69 25.40 0.70
N SER B 119 -11.02 25.01 1.77
CA SER B 119 -10.49 23.66 1.88
C SER B 119 -11.49 22.61 2.35
N GLY B 120 -12.59 23.05 2.98
CA GLY B 120 -13.52 22.12 3.59
C GLY B 120 -13.12 21.68 4.98
N PHE B 121 -12.04 22.26 5.50
CA PHE B 121 -11.56 21.98 6.85
C PHE B 121 -11.72 23.22 7.74
N LYS B 122 -11.79 22.97 9.05
CA LYS B 122 -11.86 24.03 10.07
C LYS B 122 -10.79 23.79 11.12
N ASN B 123 -10.13 24.85 11.56
N ASN B 123 -10.15 24.86 11.59
CA ASN B 123 -9.21 24.77 12.69
CA ASN B 123 -9.16 24.72 12.65
C ASN B 123 -9.95 24.71 14.01
C ASN B 123 -9.80 24.78 14.04
N ILE B 124 -9.62 23.72 14.83
CA ILE B 124 -10.09 23.66 16.20
C ILE B 124 -8.87 23.41 17.07
N ASP B 125 -8.54 24.40 17.91
CA ASP B 125 -7.42 24.30 18.86
C ASP B 125 -6.11 23.85 18.22
N GLY B 126 -5.83 24.34 17.02
CA GLY B 126 -4.52 24.17 16.44
C GLY B 126 -4.38 23.01 15.48
N LYS B 127 -5.49 22.38 15.11
CA LYS B 127 -5.45 21.31 14.12
C LYS B 127 -6.61 21.49 13.15
N GLU B 128 -6.38 21.13 11.89
CA GLU B 128 -7.40 21.21 10.85
C GLU B 128 -8.23 19.94 10.81
N TYR B 129 -9.55 20.09 10.80
CA TYR B 129 -10.48 18.98 10.81
C TYR B 129 -11.50 19.11 9.69
N LEU B 130 -11.80 18.01 9.02
CA LEU B 130 -12.79 18.02 7.97
C LEU B 130 -14.16 18.40 8.54
N CYS B 131 -14.86 19.26 7.80
N CYS B 131 -14.83 19.34 7.89
CA CYS B 131 -16.18 19.73 8.18
CA CYS B 131 -16.19 19.69 8.30
C CYS B 131 -17.28 18.84 7.60
C CYS B 131 -17.22 18.76 7.67
N LEU B 132 -18.31 18.55 8.40
CA LEU B 132 -19.49 17.87 7.86
C LEU B 132 -20.71 18.71 8.17
N TYR B 133 -21.73 18.58 7.35
CA TYR B 133 -22.96 19.37 7.50
C TYR B 133 -24.16 18.46 7.52
N ASP B 134 -25.12 18.77 8.37
CA ASP B 134 -26.37 18.02 8.42
C ASP B 134 -27.44 18.71 7.57
N SER B 135 -28.65 18.18 7.62
CA SER B 135 -29.73 18.66 6.76
C SER B 135 -30.14 20.10 7.05
N SER B 136 -29.85 20.57 8.26
CA SER B 136 -30.19 21.94 8.63
C SER B 136 -29.01 22.90 8.45
N GLY B 137 -27.88 22.36 7.99
CA GLY B 137 -26.71 23.18 7.76
C GLY B 137 -25.81 23.34 8.97
N LYS B 138 -26.13 22.63 10.05
CA LYS B 138 -25.26 22.62 11.22
C LYS B 138 -23.91 22.00 10.89
N GLU B 139 -22.86 22.55 11.49
CA GLU B 139 -21.49 22.17 11.19
C GLU B 139 -20.92 21.24 12.26
N PHE B 140 -20.27 20.18 11.80
CA PHE B 140 -19.61 19.18 12.63
C PHE B 140 -18.15 19.09 12.19
N THR B 141 -17.29 18.56 13.03
CA THR B 141 -15.91 18.32 12.64
C THR B 141 -15.52 16.85 12.84
N VAL B 142 -14.61 16.37 11.99
CA VAL B 142 -14.12 15.00 12.10
C VAL B 142 -12.74 15.07 12.75
N ARG B 143 -12.63 14.54 13.96
CA ARG B 143 -11.38 14.62 14.73
C ARG B 143 -10.91 13.19 14.98
N GLU B 144 -9.81 12.81 14.34
CA GLU B 144 -9.34 11.42 14.38
C GLU B 144 -10.48 10.46 14.05
N ASN B 145 -11.22 10.79 13.00
CA ASN B 145 -12.32 9.96 12.49
C ASN B 145 -13.53 9.84 13.39
N VAL B 146 -13.59 10.70 14.41
CA VAL B 146 -14.77 10.77 15.27
C VAL B 146 -15.49 12.10 15.01
N VAL B 147 -16.79 12.05 14.81
CA VAL B 147 -17.55 13.27 14.50
C VAL B 147 -17.99 13.99 15.77
N TYR B 148 -17.63 15.28 15.85
CA TYR B 148 -17.98 16.14 16.97
C TYR B 148 -18.95 17.21 16.51
N ASP B 149 -19.91 17.55 17.35
CA ASP B 149 -20.82 18.64 17.02
C ASP B 149 -20.19 20.00 17.24
N LYS B 150 -20.95 21.05 16.94
CA LYS B 150 -20.43 22.41 17.00
C LYS B 150 -20.03 22.84 18.42
N ASP B 151 -20.59 22.17 19.43
CA ASP B 151 -20.29 22.51 20.82
C ASP B 151 -19.14 21.68 21.38
N GLY B 152 -18.55 20.83 20.53
CA GLY B 152 -17.41 20.04 20.95
C GLY B 152 -17.76 18.72 21.61
N ASN B 153 -19.02 18.29 21.45
CA ASN B 153 -19.45 17.01 21.99
C ASN B 153 -19.32 15.89 20.97
N LYS B 154 -18.85 14.73 21.40
CA LYS B 154 -18.79 13.55 20.55
C LYS B 154 -20.19 13.13 20.15
N THR B 155 -20.37 12.75 18.89
CA THR B 155 -21.62 12.20 18.41
C THR B 155 -21.50 10.69 18.32
N GLU B 156 -22.53 10.05 17.78
CA GLU B 156 -22.48 8.62 17.53
C GLU B 156 -21.82 8.26 16.21
N TYR B 157 -21.33 9.26 15.47
CA TYR B 157 -20.80 9.02 14.13
C TYR B 157 -19.29 9.00 14.08
N THR B 158 -18.78 8.15 13.19
CA THR B 158 -17.37 8.11 12.86
C THR B 158 -17.25 7.99 11.34
N THR B 159 -16.05 8.20 10.82
CA THR B 159 -15.79 8.08 9.39
C THR B 159 -14.55 7.22 9.17
N ASN B 160 -14.27 6.91 7.91
CA ASN B 160 -12.95 6.42 7.53
C ASN B 160 -12.38 7.27 6.39
N ALA B 161 -11.19 6.92 5.95
CA ALA B 161 -10.47 7.68 4.94
C ALA B 161 -11.23 7.76 3.63
N LEU B 162 -12.04 6.76 3.34
CA LEU B 162 -12.83 6.73 2.11
C LEU B 162 -14.18 7.41 2.27
N GLY B 163 -14.45 7.96 3.45
CA GLY B 163 -15.67 8.71 3.68
C GLY B 163 -16.87 7.90 4.14
N ASP B 164 -16.70 6.62 4.39
CA ASP B 164 -17.80 5.85 4.93
C ASP B 164 -18.23 6.48 6.26
N LEU B 165 -19.53 6.47 6.50
CA LEU B 165 -20.11 7.09 7.67
C LEU B 165 -20.73 6.00 8.53
N PHE B 166 -20.27 5.86 9.76
CA PHE B 166 -20.68 4.79 10.64
C PHE B 166 -21.44 5.37 11.82
N ARG B 167 -22.56 4.73 12.17
CA ARG B 167 -23.33 5.13 13.35
C ARG B 167 -23.10 4.00 14.37
N ASN B 168 -22.46 4.32 15.48
CA ASN B 168 -22.11 3.30 16.46
C ASN B 168 -21.42 2.09 15.84
N GLY B 169 -20.53 2.34 14.89
CA GLY B 169 -19.78 1.27 14.28
C GLY B 169 -20.43 0.54 13.12
N THR B 170 -21.65 0.93 12.74
CA THR B 170 -22.35 0.30 11.62
C THR B 170 -22.39 1.28 10.46
N LYS B 171 -21.93 0.86 9.29
CA LYS B 171 -21.94 1.76 8.14
C LYS B 171 -23.36 2.07 7.72
N ILE B 172 -23.69 3.35 7.57
CA ILE B 172 -25.02 3.75 7.11
C ILE B 172 -25.01 4.49 5.79
N ASP B 173 -23.89 5.10 5.40
CA ASP B 173 -23.81 5.86 4.16
C ASP B 173 -22.36 6.25 3.97
N ASN B 174 -22.12 7.26 3.16
CA ASN B 174 -20.78 7.77 2.87
C ASN B 174 -20.93 9.27 2.72
N ILE B 175 -20.04 10.05 3.35
CA ILE B 175 -20.17 11.49 3.40
C ILE B 175 -20.07 12.19 2.05
N ASN B 176 -19.69 11.44 1.02
CA ASN B 176 -19.58 11.96 -0.33
C ASN B 176 -20.79 11.67 -1.20
N SER B 177 -21.79 10.96 -0.65
CA SER B 177 -22.97 10.60 -1.41
C SER B 177 -24.03 11.71 -1.42
N SER B 178 -25.08 11.47 -2.20
CA SER B 178 -26.22 12.40 -2.23
C SER B 178 -27.20 12.19 -1.10
N THR B 179 -27.04 11.13 -0.30
CA THR B 179 -28.05 10.74 0.68
C THR B 179 -27.58 10.76 2.13
N ALA B 180 -26.30 11.03 2.39
CA ALA B 180 -25.79 10.86 3.76
C ALA B 180 -26.37 11.91 4.71
N PRO B 181 -26.63 11.52 5.96
CA PRO B 181 -27.13 12.51 6.93
C PRO B 181 -26.08 13.54 7.33
N LEU B 182 -24.81 13.21 7.12
CA LEU B 182 -23.71 14.17 7.28
C LEU B 182 -22.89 14.11 6.00
N LYS B 183 -22.64 15.28 5.40
CA LYS B 183 -21.93 15.39 4.14
C LYS B 183 -20.74 16.30 4.26
N ALA B 184 -19.68 15.96 3.54
CA ALA B 184 -18.55 16.87 3.34
C ALA B 184 -19.00 18.09 2.55
N LYS B 185 -18.26 19.19 2.67
CA LYS B 185 -18.54 20.38 1.87
C LYS B 185 -18.40 20.05 0.39
N GLY B 186 -19.31 20.57 -0.42
CA GLY B 186 -19.27 20.37 -1.84
C GLY B 186 -18.21 21.26 -2.48
N THR B 187 -17.03 20.70 -2.70
CA THR B 187 -15.92 21.41 -3.30
C THR B 187 -14.91 20.39 -3.80
N SER B 188 -13.84 20.87 -4.42
CA SER B 188 -12.72 20.02 -4.79
C SER B 188 -11.87 19.67 -3.59
N TYR B 189 -11.32 18.47 -3.61
CA TYR B 189 -10.31 18.01 -2.67
C TYR B 189 -9.14 17.39 -3.44
N ILE B 190 -7.93 17.53 -2.92
CA ILE B 190 -6.79 16.80 -3.47
C ILE B 190 -6.55 15.54 -2.62
N ASN B 191 -6.61 14.39 -3.27
CA ASN B 191 -6.30 13.10 -2.64
C ASN B 191 -4.91 12.62 -3.02
N LEU B 192 -4.28 11.91 -2.10
CA LEU B 192 -2.98 11.30 -2.33
C LEU B 192 -3.04 9.84 -1.90
N VAL B 193 -2.57 8.95 -2.76
CA VAL B 193 -2.32 7.55 -2.38
C VAL B 193 -0.89 7.21 -2.73
N TYR B 194 -0.39 6.14 -2.14
CA TYR B 194 0.99 5.74 -2.38
C TYR B 194 1.15 4.23 -2.43
N SER B 195 2.24 3.80 -3.05
CA SER B 195 2.63 2.40 -3.13
C SER B 195 4.09 2.24 -2.78
N ASP B 196 4.36 1.27 -1.90
CA ASP B 196 5.73 0.94 -1.51
C ASP B 196 6.20 -0.38 -2.11
N ASP B 197 5.41 -0.95 -3.00
CA ASP B 197 5.77 -2.21 -3.64
C ASP B 197 5.73 -2.11 -5.17
N ASP B 198 6.20 -0.97 -5.68
CA ASP B 198 6.38 -0.77 -7.12
C ASP B 198 5.04 -0.77 -7.86
N GLY B 199 4.00 -0.30 -7.19
CA GLY B 199 2.71 -0.12 -7.82
C GLY B 199 1.77 -1.29 -7.72
N LYS B 200 2.15 -2.35 -6.99
CA LYS B 200 1.28 -3.53 -6.89
C LYS B 200 0.09 -3.27 -5.98
N THR B 201 0.32 -2.63 -4.84
CA THR B 201 -0.76 -2.28 -3.93
C THR B 201 -0.65 -0.82 -3.51
N TRP B 202 -1.79 -0.24 -3.16
CA TRP B 202 -1.91 1.19 -2.96
C TRP B 202 -2.65 1.49 -1.66
N SER B 203 -2.27 2.57 -1.02
CA SER B 203 -2.91 3.02 0.22
C SER B 203 -4.30 3.57 -0.04
N GLU B 204 -5.04 3.82 1.03
N GLU B 204 -5.02 3.82 1.05
CA GLU B 204 -6.30 4.53 0.92
CA GLU B 204 -6.27 4.56 0.98
C GLU B 204 -6.01 6.03 0.92
C GLU B 204 -5.96 6.05 0.85
N PRO B 205 -6.91 6.83 0.32
CA PRO B 205 -6.57 8.24 0.09
C PRO B 205 -6.38 9.06 1.36
N GLN B 206 -5.37 9.91 1.30
CA GLN B 206 -5.19 10.99 2.24
C GLN B 206 -5.70 12.28 1.60
N ASN B 207 -6.56 13.00 2.31
CA ASN B 207 -7.11 14.26 1.85
C ASN B 207 -6.18 15.37 2.30
N ILE B 208 -5.44 15.98 1.36
CA ILE B 208 -4.43 16.96 1.74
C ILE B 208 -4.89 18.38 1.53
N ASN B 209 -6.19 18.57 1.36
CA ASN B 209 -6.73 19.91 1.10
C ASN B 209 -6.31 20.90 2.19
N PHE B 210 -6.26 20.44 3.43
CA PHE B 210 -5.93 21.33 4.55
C PHE B 210 -4.53 21.93 4.43
N GLN B 211 -3.66 21.28 3.68
CA GLN B 211 -2.29 21.77 3.51
C GLN B 211 -2.11 22.65 2.29
N VAL B 212 -2.88 22.44 1.23
CA VAL B 212 -2.58 23.08 -0.04
C VAL B 212 -3.66 24.02 -0.56
N LYS B 213 -4.88 23.95 -0.04
CA LYS B 213 -5.94 24.78 -0.58
C LYS B 213 -6.22 25.99 0.31
N LYS B 214 -6.18 27.18 -0.28
CA LYS B 214 -6.40 28.42 0.46
C LYS B 214 -7.89 28.79 0.53
N ASP B 215 -8.22 29.65 1.49
N ASP B 215 -8.24 29.65 1.48
CA ASP B 215 -9.61 30.03 1.74
CA ASP B 215 -9.64 29.96 1.71
C ASP B 215 -10.27 30.65 0.52
C ASP B 215 -10.29 30.77 0.59
N TRP B 216 -9.47 31.31 -0.30
CA TRP B 216 -9.96 32.08 -1.44
C TRP B 216 -9.99 31.27 -2.74
N MET B 217 -9.55 30.02 -2.69
CA MET B 217 -9.60 29.17 -3.87
C MET B 217 -10.95 28.46 -3.96
N LYS B 218 -11.50 28.42 -5.16
CA LYS B 218 -12.78 27.77 -5.43
C LYS B 218 -12.51 26.32 -5.86
N PHE B 219 -11.96 26.15 -7.05
CA PHE B 219 -11.47 24.85 -7.50
C PHE B 219 -9.96 24.81 -7.28
N LEU B 220 -9.44 23.68 -6.80
CA LEU B 220 -8.02 23.39 -6.85
C LEU B 220 -7.90 21.95 -7.28
N GLY B 221 -7.21 21.70 -8.39
CA GLY B 221 -7.14 20.35 -8.90
C GLY B 221 -5.75 19.98 -9.36
N ILE B 222 -5.51 18.68 -9.39
CA ILE B 222 -4.34 18.11 -10.05
C ILE B 222 -4.37 18.48 -11.53
N ALA B 223 -3.21 18.85 -12.06
CA ALA B 223 -3.03 19.00 -13.50
C ALA B 223 -2.49 17.65 -13.98
N PRO B 224 -3.29 16.88 -14.71
CA PRO B 224 -2.96 15.46 -14.88
C PRO B 224 -1.73 15.17 -15.72
N GLY B 225 -1.08 14.06 -15.39
CA GLY B 225 0.11 13.60 -16.08
C GLY B 225 1.10 13.10 -15.04
N ARG B 226 2.17 13.86 -14.84
CA ARG B 226 3.20 13.43 -13.92
C ARG B 226 3.78 14.60 -13.15
N GLY B 227 4.51 14.29 -12.08
CA GLY B 227 5.31 15.27 -11.38
C GLY B 227 6.79 15.05 -11.65
N ILE B 228 7.63 15.74 -10.88
CA ILE B 228 9.07 15.53 -10.93
C ILE B 228 9.62 15.50 -9.53
N GLN B 229 10.86 15.02 -9.42
CA GLN B 229 11.64 15.19 -8.21
C GLN B 229 12.90 15.92 -8.63
N ILE B 230 13.18 17.03 -7.98
CA ILE B 230 14.29 17.90 -8.39
C ILE B 230 15.62 17.19 -8.17
N LYS B 231 16.49 17.29 -9.18
CA LYS B 231 17.77 16.60 -9.16
C LYS B 231 18.97 17.47 -8.79
N ASN B 232 18.90 18.76 -9.12
CA ASN B 232 20.06 19.65 -8.99
C ASN B 232 19.75 20.84 -8.10
N GLY B 233 20.79 21.34 -7.44
CA GLY B 233 20.68 22.59 -6.71
C GLY B 233 20.13 22.47 -5.30
N GLU B 234 19.73 23.61 -4.74
CA GLU B 234 19.36 23.70 -3.34
C GLU B 234 18.09 22.93 -2.99
N HIS B 235 17.28 22.63 -4.00
CA HIS B 235 16.01 21.97 -3.76
C HIS B 235 16.03 20.52 -4.19
N LYS B 236 17.22 19.95 -4.36
CA LYS B 236 17.33 18.53 -4.68
C LYS B 236 16.49 17.69 -3.72
N GLY B 237 15.72 16.78 -4.29
CA GLY B 237 14.88 15.90 -3.50
C GLY B 237 13.44 16.36 -3.38
N ARG B 238 13.18 17.63 -3.65
CA ARG B 238 11.83 18.17 -3.58
C ARG B 238 10.95 17.48 -4.63
N ILE B 239 9.80 17.01 -4.19
CA ILE B 239 8.81 16.41 -5.08
C ILE B 239 7.83 17.49 -5.51
N VAL B 240 7.64 17.65 -6.81
CA VAL B 240 6.89 18.76 -7.38
C VAL B 240 5.73 18.23 -8.21
N VAL B 241 4.51 18.65 -7.89
CA VAL B 241 3.30 18.15 -8.54
C VAL B 241 2.49 19.33 -9.09
N PRO B 242 2.39 19.43 -10.42
CA PRO B 242 1.58 20.51 -11.04
C PRO B 242 0.10 20.46 -10.66
N VAL B 243 -0.46 21.64 -10.44
CA VAL B 243 -1.87 21.83 -10.09
C VAL B 243 -2.37 23.11 -10.76
N TYR B 244 -3.66 23.38 -10.62
CA TYR B 244 -4.20 24.69 -11.01
C TYR B 244 -5.44 24.96 -10.19
N TYR B 245 -5.81 26.24 -10.08
CA TYR B 245 -6.92 26.62 -9.23
C TYR B 245 -7.67 27.79 -9.81
N THR B 246 -8.88 28.00 -9.29
CA THR B 246 -9.62 29.21 -9.60
C THR B 246 -9.78 30.05 -8.35
N ASN B 247 -9.87 31.36 -8.57
CA ASN B 247 -10.21 32.30 -7.53
C ASN B 247 -11.72 32.45 -7.42
N GLU B 248 -12.14 33.38 -6.56
CA GLU B 248 -13.56 33.61 -6.34
C GLU B 248 -14.28 34.02 -7.61
N LYS B 249 -13.58 34.72 -8.50
N LYS B 249 -13.58 34.73 -8.50
CA LYS B 249 -14.16 35.15 -9.76
CA LYS B 249 -14.15 35.15 -9.77
C LYS B 249 -14.15 34.04 -10.81
C LYS B 249 -14.14 34.04 -10.82
N GLY B 250 -13.63 32.87 -10.45
CA GLY B 250 -13.64 31.72 -11.34
C GLY B 250 -12.52 31.65 -12.36
N LYS B 251 -11.50 32.50 -12.23
CA LYS B 251 -10.43 32.54 -13.22
C LYS B 251 -9.28 31.62 -12.79
N GLN B 252 -8.73 30.91 -13.76
CA GLN B 252 -7.76 29.84 -13.55
C GLN B 252 -6.31 30.31 -13.55
N SER B 253 -5.53 29.77 -12.61
CA SER B 253 -4.09 30.00 -12.52
C SER B 253 -3.35 28.72 -12.15
N SER B 254 -2.24 28.45 -12.82
CA SER B 254 -1.41 27.27 -12.57
C SER B 254 -0.55 27.45 -11.34
N ALA B 255 -0.09 26.34 -10.76
CA ALA B 255 0.93 26.39 -9.71
C ALA B 255 1.50 24.99 -9.56
N VAL B 256 2.38 24.82 -8.57
CA VAL B 256 2.77 23.47 -8.16
C VAL B 256 2.58 23.33 -6.66
N ILE B 257 2.28 22.11 -6.22
CA ILE B 257 2.45 21.76 -4.82
C ILE B 257 3.73 20.97 -4.69
N TYR B 258 4.33 21.00 -3.51
CA TYR B 258 5.61 20.34 -3.37
C TYR B 258 5.82 19.83 -1.96
N SER B 259 6.71 18.85 -1.85
CA SER B 259 7.05 18.24 -0.57
C SER B 259 8.55 18.09 -0.46
N ASP B 260 9.09 18.57 0.66
CA ASP B 260 10.51 18.42 0.99
C ASP B 260 10.79 17.27 1.94
N ASP B 261 9.75 16.57 2.38
CA ASP B 261 9.90 15.48 3.34
C ASP B 261 9.29 14.17 2.84
N SER B 262 9.59 13.86 1.59
CA SER B 262 9.24 12.57 1.01
C SER B 262 7.73 12.33 0.99
N GLY B 263 6.97 13.41 0.80
CA GLY B 263 5.53 13.31 0.63
C GLY B 263 4.71 13.36 1.91
N LYS B 264 5.37 13.56 3.05
CA LYS B 264 4.63 13.63 4.31
C LYS B 264 3.80 14.91 4.43
N ASN B 265 4.40 16.02 4.03
CA ASN B 265 3.76 17.33 4.08
C ASN B 265 3.90 18.04 2.76
N TRP B 266 2.88 18.84 2.42
CA TRP B 266 2.80 19.50 1.13
C TRP B 266 2.53 20.98 1.32
N THR B 267 3.02 21.76 0.36
CA THR B 267 2.87 23.20 0.33
C THR B 267 2.52 23.62 -1.09
N ILE B 268 1.63 24.59 -1.25
CA ILE B 268 1.41 25.17 -2.58
C ILE B 268 2.26 26.41 -2.79
N GLY B 269 2.92 26.50 -3.93
CA GLY B 269 3.65 27.71 -4.26
C GLY B 269 2.76 28.78 -4.88
N GLU B 270 3.34 29.92 -5.19
CA GLU B 270 2.63 30.94 -5.96
C GLU B 270 2.36 30.47 -7.38
N SER B 271 1.38 31.09 -8.01
CA SER B 271 1.16 30.91 -9.43
C SER B 271 2.11 31.79 -10.26
N PRO B 272 2.42 31.39 -11.50
CA PRO B 272 3.04 32.37 -12.40
C PRO B 272 2.14 33.58 -12.64
N ASN B 273 0.85 33.50 -12.34
CA ASN B 273 0.00 34.69 -12.43
C ASN B 273 0.17 35.65 -11.26
N ASP B 274 0.91 35.25 -10.23
CA ASP B 274 1.13 36.15 -9.09
C ASP B 274 2.26 37.13 -9.37
N ASN B 275 1.92 38.42 -9.38
CA ASN B 275 2.85 39.47 -9.77
C ASN B 275 3.35 39.26 -11.19
N ARG B 276 2.52 38.68 -12.04
CA ARG B 276 2.88 38.51 -13.44
C ARG B 276 2.85 39.85 -14.17
N LYS B 277 3.87 40.10 -14.97
CA LYS B 277 3.90 41.27 -15.83
C LYS B 277 3.42 40.87 -17.21
N LEU B 278 2.25 41.36 -17.60
CA LEU B 278 1.74 41.09 -18.93
C LEU B 278 2.57 41.86 -19.96
N GLU B 279 2.31 41.58 -21.23
CA GLU B 279 3.20 42.02 -22.30
C GLU B 279 3.61 43.50 -22.24
N ASN B 280 2.64 44.37 -21.99
CA ASN B 280 2.90 45.80 -22.00
C ASN B 280 3.04 46.42 -20.62
N GLY B 281 3.10 45.59 -19.57
CA GLY B 281 3.46 46.08 -18.27
C GLY B 281 2.42 45.98 -17.17
N LYS B 282 1.19 45.60 -17.50
CA LYS B 282 0.19 45.44 -16.46
C LYS B 282 0.59 44.31 -15.49
N ILE B 283 0.41 44.54 -14.21
CA ILE B 283 0.72 43.51 -13.20
C ILE B 283 -0.58 42.89 -12.70
N ILE B 284 -0.65 41.56 -12.71
CA ILE B 284 -1.82 40.86 -12.21
C ILE B 284 -1.45 39.94 -11.03
N ASN B 285 -2.48 39.35 -10.43
CA ASN B 285 -2.31 38.39 -9.36
C ASN B 285 -3.37 37.31 -9.49
N SER B 286 -3.05 36.09 -9.11
CA SER B 286 -4.03 35.00 -9.23
C SER B 286 -5.25 35.19 -8.33
N LYS B 287 -5.07 35.89 -7.22
CA LYS B 287 -6.19 36.09 -6.31
C LYS B 287 -7.21 37.06 -6.88
N THR B 288 -6.75 38.02 -7.67
CA THR B 288 -7.61 39.10 -8.15
C THR B 288 -7.95 39.01 -9.63
N LEU B 289 -7.31 38.09 -10.36
CA LEU B 289 -7.51 38.00 -11.81
C LEU B 289 -8.99 37.98 -12.17
N SER B 290 -9.41 38.89 -13.04
CA SER B 290 -10.82 39.05 -13.36
C SER B 290 -11.12 38.89 -14.84
N ASP B 291 -10.07 38.63 -15.62
CA ASP B 291 -10.18 38.51 -17.08
C ASP B 291 -9.82 37.10 -17.52
N ASP B 292 -10.42 36.66 -18.62
CA ASP B 292 -10.16 35.32 -19.14
C ASP B 292 -8.83 35.19 -19.83
N ALA B 293 -8.39 36.25 -20.51
CA ALA B 293 -7.24 36.12 -21.41
C ALA B 293 -5.92 35.64 -20.76
N PRO B 294 -5.56 36.11 -19.55
CA PRO B 294 -4.30 35.67 -18.97
C PRO B 294 -4.37 34.36 -18.19
N GLN B 295 -5.48 33.62 -18.26
CA GLN B 295 -5.57 32.39 -17.49
C GLN B 295 -4.49 31.37 -17.84
N LEU B 296 -4.02 30.66 -16.82
CA LEU B 296 -3.03 29.60 -16.97
C LEU B 296 -3.64 28.41 -16.28
N THR B 297 -3.67 27.25 -16.93
CA THR B 297 -4.47 26.16 -16.39
C THR B 297 -3.66 24.88 -16.15
N GLU B 298 -4.04 23.76 -16.76
CA GLU B 298 -3.26 22.54 -16.63
C GLU B 298 -1.83 22.78 -17.07
N CYS B 299 -0.90 22.04 -16.48
CA CYS B 299 0.51 22.33 -16.70
C CYS B 299 1.33 21.11 -16.35
N GLN B 300 2.58 21.10 -16.84
CA GLN B 300 3.56 20.07 -16.51
C GLN B 300 4.90 20.78 -16.36
N VAL B 301 5.79 20.22 -15.56
CA VAL B 301 7.01 20.91 -15.17
C VAL B 301 8.26 20.10 -15.52
N VAL B 302 9.32 20.79 -15.93
CA VAL B 302 10.61 20.14 -16.18
C VAL B 302 11.72 20.96 -15.55
N GLU B 303 12.88 20.33 -15.40
CA GLU B 303 14.01 20.92 -14.70
C GLU B 303 15.14 21.23 -15.67
N MET B 304 15.73 22.40 -15.52
CA MET B 304 16.87 22.84 -16.30
C MET B 304 18.17 22.31 -15.69
N PRO B 305 19.30 22.40 -16.42
CA PRO B 305 20.54 21.79 -15.93
C PRO B 305 21.01 22.28 -14.56
N ASN B 306 20.66 23.49 -14.18
CA ASN B 306 21.07 24.03 -12.87
C ASN B 306 20.01 23.88 -11.79
N GLY B 307 18.88 23.24 -12.11
CA GLY B 307 17.79 23.09 -11.17
C GLY B 307 16.61 24.02 -11.38
N GLN B 308 16.77 25.04 -12.21
CA GLN B 308 15.68 25.96 -12.52
C GLN B 308 14.48 25.19 -13.04
N LEU B 309 13.27 25.59 -12.65
CA LEU B 309 12.06 24.92 -13.13
C LEU B 309 11.40 25.69 -14.25
N LYS B 310 10.84 24.93 -15.19
CA LYS B 310 10.04 25.45 -16.29
C LYS B 310 8.65 24.83 -16.22
N LEU B 311 7.63 25.67 -16.14
CA LEU B 311 6.24 25.21 -16.09
C LEU B 311 5.61 25.48 -17.45
N PHE B 312 5.28 24.42 -18.16
CA PHE B 312 4.63 24.49 -19.48
C PHE B 312 3.12 24.45 -19.24
N MET B 313 2.37 25.41 -19.80
CA MET B 313 0.99 25.64 -19.36
C MET B 313 0.00 25.76 -20.50
N ARG B 314 -1.12 25.06 -20.35
CA ARG B 314 -2.33 25.29 -21.11
C ARG B 314 -2.81 26.71 -20.83
N ASN B 315 -3.25 27.40 -21.87
CA ASN B 315 -3.61 28.80 -21.75
C ASN B 315 -4.52 29.19 -22.90
N LEU B 316 -4.85 30.46 -23.01
CA LEU B 316 -5.83 30.89 -24.03
C LEU B 316 -5.19 31.69 -25.17
N SER B 317 -3.87 31.75 -25.23
CA SER B 317 -3.18 32.53 -26.26
C SER B 317 -3.14 31.83 -27.62
N GLY B 318 -3.41 30.54 -27.66
CA GLY B 318 -3.26 29.78 -28.89
C GLY B 318 -1.91 29.11 -29.03
N TYR B 319 -0.97 29.45 -28.14
CA TYR B 319 0.41 28.96 -28.20
C TYR B 319 0.89 28.56 -26.82
N LEU B 320 1.94 27.76 -26.78
CA LEU B 320 2.53 27.33 -25.52
C LEU B 320 2.95 28.53 -24.66
N ASN B 321 2.69 28.43 -23.35
CA ASN B 321 3.24 29.39 -22.39
C ASN B 321 4.19 28.67 -21.44
N ILE B 322 5.26 29.36 -21.06
CA ILE B 322 6.30 28.79 -20.20
C ILE B 322 6.67 29.76 -19.09
N ALA B 323 6.59 29.30 -17.85
CA ALA B 323 7.00 30.08 -16.68
C ALA B 323 8.29 29.53 -16.10
N THR B 324 9.02 30.37 -15.36
CA THR B 324 10.33 30.04 -14.84
C THR B 324 10.40 30.26 -13.32
N SER B 325 10.92 29.30 -12.58
CA SER B 325 11.10 29.45 -11.13
C SER B 325 12.54 29.24 -10.74
N PHE B 326 13.07 30.19 -9.97
CA PHE B 326 14.44 30.12 -9.46
C PHE B 326 14.52 29.53 -8.07
N ASP B 327 13.37 29.25 -7.45
CA ASP B 327 13.35 28.83 -6.03
C ASP B 327 12.57 27.55 -5.81
N GLY B 328 12.65 26.65 -6.77
CA GLY B 328 12.06 25.32 -6.62
C GLY B 328 10.54 25.30 -6.63
N GLY B 329 9.92 26.26 -7.30
CA GLY B 329 8.47 26.30 -7.41
C GLY B 329 7.75 27.14 -6.38
N ALA B 330 8.48 27.79 -5.47
CA ALA B 330 7.83 28.66 -4.49
C ALA B 330 7.26 29.92 -5.16
N THR B 331 7.99 30.48 -6.12
CA THR B 331 7.55 31.66 -6.87
C THR B 331 8.01 31.53 -8.31
N TRP B 332 7.48 32.38 -9.18
CA TRP B 332 7.84 32.38 -10.60
C TRP B 332 8.25 33.78 -11.03
N ASP B 333 9.16 33.85 -11.99
CA ASP B 333 9.54 35.10 -12.62
C ASP B 333 8.32 35.79 -13.22
N GLU B 334 8.35 37.12 -13.27
CA GLU B 334 7.19 37.90 -13.71
C GLU B 334 6.82 37.71 -15.19
N THR B 335 7.76 37.22 -16.00
CA THR B 335 7.48 37.08 -17.43
C THR B 335 7.12 35.64 -17.79
N VAL B 336 5.93 35.46 -18.34
CA VAL B 336 5.53 34.19 -18.93
C VAL B 336 5.81 34.25 -20.43
N GLU B 337 6.65 33.35 -20.90
CA GLU B 337 7.06 33.28 -22.30
C GLU B 337 5.94 32.67 -23.14
N LYS B 338 5.67 33.26 -24.29
CA LYS B 338 4.81 32.65 -25.29
C LYS B 338 5.69 32.10 -26.40
N ASP B 339 5.67 30.78 -26.60
CA ASP B 339 6.50 30.17 -27.65
C ASP B 339 5.62 29.91 -28.87
N THR B 340 5.74 30.79 -29.87
CA THR B 340 4.84 30.71 -31.01
C THR B 340 5.22 29.60 -31.99
N ASN B 341 6.28 28.86 -31.69
CA ASN B 341 6.61 27.68 -32.48
C ASN B 341 5.75 26.47 -32.10
N VAL B 342 4.96 26.60 -31.03
CA VAL B 342 4.21 25.47 -30.50
C VAL B 342 2.75 25.87 -30.30
N LEU B 343 1.88 25.44 -31.19
CA LEU B 343 0.45 25.66 -31.04
C LEU B 343 -0.05 24.98 -29.78
N GLU B 344 -1.05 25.60 -29.14
CA GLU B 344 -1.64 25.07 -27.92
C GLU B 344 -3.13 25.38 -28.05
N PRO B 345 -3.95 24.38 -28.41
CA PRO B 345 -5.36 24.62 -28.72
C PRO B 345 -6.21 24.40 -27.46
N TYR B 346 -5.73 24.82 -26.30
CA TYR B 346 -6.43 24.82 -25.00
C TYR B 346 -6.73 23.37 -24.62
N CYS B 347 -5.64 22.65 -24.38
CA CYS B 347 -5.67 21.22 -24.10
C CYS B 347 -4.48 20.90 -23.20
N GLN B 348 -4.60 19.83 -22.43
CA GLN B 348 -3.47 19.34 -21.64
C GLN B 348 -2.31 18.97 -22.59
N LEU B 349 -1.11 19.10 -22.04
CA LEU B 349 0.13 18.76 -22.75
C LEU B 349 1.02 17.92 -21.84
N SER B 350 1.99 17.25 -22.44
CA SER B 350 2.98 16.50 -21.68
C SER B 350 4.38 16.98 -22.06
N VAL B 351 5.22 17.15 -21.06
CA VAL B 351 6.63 17.43 -21.30
C VAL B 351 7.44 16.71 -20.23
N ILE B 352 8.57 16.13 -20.63
CA ILE B 352 9.44 15.41 -19.71
C ILE B 352 10.90 15.75 -20.02
N ASN B 353 11.75 15.66 -18.99
CA ASN B 353 13.19 15.66 -19.23
C ASN B 353 13.61 14.37 -19.92
N TYR B 354 14.59 14.46 -20.81
CA TYR B 354 15.20 13.27 -21.41
C TYR B 354 16.57 13.06 -20.77
N SER B 355 16.95 11.81 -20.52
CA SER B 355 18.13 11.53 -19.70
C SER B 355 19.48 11.76 -20.39
N GLN B 356 19.52 11.74 -21.71
CA GLN B 356 20.78 11.82 -22.45
C GLN B 356 20.83 13.07 -23.31
N LYS B 357 22.02 13.61 -23.55
CA LYS B 357 22.13 14.71 -24.48
C LYS B 357 21.78 14.28 -25.90
N ILE B 358 21.21 15.22 -26.63
CA ILE B 358 20.90 15.03 -28.04
C ILE B 358 21.55 16.19 -28.78
N ASP B 359 22.33 15.88 -29.81
CA ASP B 359 23.07 16.90 -30.55
C ASP B 359 23.92 17.76 -29.61
N GLY B 360 24.45 17.13 -28.56
CA GLY B 360 25.31 17.83 -27.61
C GLY B 360 24.60 18.71 -26.61
N LYS B 361 23.26 18.66 -26.59
N LYS B 361 23.26 18.66 -26.59
CA LYS B 361 22.47 19.53 -25.72
CA LYS B 361 22.48 19.54 -25.72
C LYS B 361 21.56 18.74 -24.79
C LYS B 361 21.54 18.76 -24.80
N ASP B 362 21.27 19.33 -23.63
CA ASP B 362 20.24 18.78 -22.76
C ASP B 362 18.90 18.96 -23.45
N ALA B 363 17.99 18.01 -23.25
CA ALA B 363 16.78 17.97 -24.05
C ALA B 363 15.54 17.62 -23.23
N VAL B 364 14.38 18.04 -23.76
CA VAL B 364 13.08 17.60 -23.27
C VAL B 364 12.29 16.96 -24.41
N ILE B 365 11.30 16.16 -24.06
CA ILE B 365 10.38 15.58 -25.03
C ILE B 365 8.99 16.17 -24.72
N PHE B 366 8.25 16.54 -25.76
CA PHE B 366 6.99 17.27 -25.61
C PHE B 366 5.92 16.61 -26.48
N SER B 367 4.69 16.57 -25.98
CA SER B 367 3.55 16.02 -26.71
C SER B 367 2.31 16.87 -26.52
N ASN B 368 1.65 17.21 -27.62
CA ASN B 368 0.34 17.85 -27.56
C ASN B 368 -0.27 17.83 -28.97
N PRO B 369 -1.51 18.32 -29.11
CA PRO B 369 -2.11 18.45 -30.46
C PRO B 369 -1.57 19.70 -31.14
N ASN B 370 -0.84 19.53 -32.24
CA ASN B 370 -0.26 20.65 -32.96
C ASN B 370 -1.26 21.24 -33.96
N ALA B 371 -2.24 21.95 -33.44
CA ALA B 371 -3.34 22.43 -34.26
C ALA B 371 -4.14 23.45 -33.46
N ARG B 372 -5.17 24.00 -34.09
CA ARG B 372 -6.12 24.87 -33.39
C ARG B 372 -7.25 24.05 -32.79
N SER B 373 -7.14 22.73 -32.89
CA SER B 373 -8.10 21.80 -32.31
C SER B 373 -7.31 20.63 -31.76
N ARG B 374 -8.04 19.68 -31.16
CA ARG B 374 -7.42 18.51 -30.58
C ARG B 374 -7.21 17.46 -31.66
N SER B 375 -6.16 17.67 -32.44
CA SER B 375 -5.84 16.83 -33.58
C SER B 375 -4.35 16.96 -33.90
N ASN B 376 -3.87 16.19 -34.88
CA ASN B 376 -2.50 16.34 -35.37
C ASN B 376 -1.50 16.15 -34.23
N GLY B 377 -1.66 15.04 -33.50
CA GLY B 377 -0.82 14.76 -32.34
C GLY B 377 0.64 14.65 -32.69
N THR B 378 1.46 15.46 -32.02
CA THR B 378 2.83 15.67 -32.44
C THR B 378 3.77 15.57 -31.24
N VAL B 379 4.84 14.80 -31.41
CA VAL B 379 5.87 14.67 -30.37
C VAL B 379 7.11 15.42 -30.84
N ARG B 380 7.69 16.22 -29.96
CA ARG B 380 8.81 17.09 -30.29
C ARG B 380 9.98 16.85 -29.35
N ILE B 381 11.19 17.07 -29.87
CA ILE B 381 12.38 17.13 -29.05
C ILE B 381 12.79 18.59 -28.98
N GLY B 382 12.87 19.11 -27.75
CA GLY B 382 13.31 20.48 -27.53
C GLY B 382 14.70 20.48 -26.94
N LEU B 383 15.63 21.14 -27.63
CA LEU B 383 16.99 21.25 -27.10
C LEU B 383 17.09 22.53 -26.30
N ILE B 384 17.70 22.43 -25.13
CA ILE B 384 17.80 23.56 -24.21
C ILE B 384 19.01 24.41 -24.55
N ASN B 385 18.79 25.71 -24.69
CA ASN B 385 19.88 26.64 -24.89
C ASN B 385 19.81 27.76 -23.87
N GLN B 386 20.94 28.08 -23.27
CA GLN B 386 21.01 29.31 -22.48
C GLN B 386 21.14 30.49 -23.44
N VAL B 387 20.21 31.43 -23.37
CA VAL B 387 20.13 32.53 -24.33
C VAL B 387 20.56 33.86 -23.76
N GLY B 388 20.95 33.86 -22.50
CA GLY B 388 21.38 35.06 -21.79
C GLY B 388 21.19 34.86 -20.30
N THR B 389 21.04 35.97 -19.58
CA THR B 389 20.75 35.94 -18.17
C THR B 389 19.66 36.93 -17.84
N TYR B 390 18.97 36.70 -16.73
CA TYR B 390 18.02 37.67 -16.21
C TYR B 390 18.79 38.80 -15.51
N GLU B 391 18.07 39.85 -15.12
CA GLU B 391 18.70 40.95 -14.40
C GLU B 391 19.31 40.51 -13.08
N ASN B 392 18.71 39.49 -12.46
CA ASN B 392 19.22 38.96 -11.21
C ASN B 392 20.40 38.02 -11.38
N GLY B 393 20.88 37.86 -12.61
CA GLY B 393 22.04 37.04 -12.88
C GLY B 393 21.76 35.56 -13.15
N GLU B 394 20.51 35.12 -12.97
CA GLU B 394 20.17 33.72 -13.23
C GLU B 394 20.23 33.42 -14.71
N PRO B 395 20.56 32.17 -15.08
CA PRO B 395 20.57 31.81 -16.50
C PRO B 395 19.17 31.85 -17.10
N LYS B 396 19.08 32.28 -18.34
CA LYS B 396 17.83 32.31 -19.08
C LYS B 396 17.89 31.22 -20.14
N TYR B 397 16.92 30.32 -20.10
CA TYR B 397 16.88 29.17 -21.01
C TYR B 397 15.65 29.22 -21.90
N GLU B 398 15.84 28.89 -23.17
CA GLU B 398 14.73 28.68 -24.10
C GLU B 398 14.96 27.40 -24.88
N PHE B 399 13.96 26.99 -25.64
CA PHE B 399 13.95 25.69 -26.29
C PHE B 399 14.05 25.83 -27.80
N ASP B 400 14.83 24.94 -28.39
CA ASP B 400 14.91 24.81 -29.83
C ASP B 400 14.14 23.54 -30.20
N TRP B 401 12.94 23.70 -30.75
CA TRP B 401 12.10 22.56 -31.12
C TRP B 401 12.61 22.05 -32.46
N LYS B 402 13.69 21.30 -32.39
CA LYS B 402 14.47 20.96 -33.57
C LYS B 402 13.85 19.78 -34.32
N TYR B 403 13.24 18.86 -33.59
CA TYR B 403 12.63 17.69 -34.19
C TYR B 403 11.16 17.65 -33.79
N ASN B 404 10.31 17.45 -34.78
CA ASN B 404 8.86 17.49 -34.57
C ASN B 404 8.27 16.40 -35.44
N LYS B 405 7.48 15.51 -34.85
CA LYS B 405 6.98 14.36 -35.56
C LYS B 405 5.48 14.15 -35.34
N LEU B 406 4.72 14.08 -36.43
CA LEU B 406 3.31 13.74 -36.37
C LEU B 406 3.18 12.27 -36.00
N VAL B 407 2.54 11.97 -34.88
CA VAL B 407 2.36 10.59 -34.44
C VAL B 407 0.91 10.12 -34.51
N LYS B 408 -0.04 11.04 -34.52
CA LYS B 408 -1.46 10.67 -34.54
C LYS B 408 -2.28 11.62 -35.40
N PRO B 409 -2.52 11.23 -36.66
CA PRO B 409 -3.48 11.94 -37.50
C PRO B 409 -4.88 11.82 -36.89
N GLY B 410 -5.68 12.87 -37.05
CA GLY B 410 -7.01 12.85 -36.49
C GLY B 410 -7.02 13.22 -35.02
N TYR B 411 -7.97 12.68 -34.28
CA TYR B 411 -8.22 13.13 -32.91
C TYR B 411 -7.01 12.87 -32.00
N TYR B 412 -6.66 13.88 -31.21
CA TYR B 412 -5.58 13.74 -30.23
C TYR B 412 -5.81 14.79 -29.16
N ALA B 413 -6.04 14.34 -27.94
CA ALA B 413 -6.30 15.26 -26.84
C ALA B 413 -5.24 15.11 -25.74
N TYR B 414 -5.60 14.64 -24.55
CA TYR B 414 -4.63 14.57 -23.45
C TYR B 414 -3.61 13.46 -23.71
N SER B 415 -2.43 13.60 -23.14
CA SER B 415 -1.36 12.64 -23.39
C SER B 415 -0.38 12.63 -22.24
N CYS B 416 0.43 11.59 -22.16
CA CYS B 416 1.52 11.55 -21.18
C CYS B 416 2.67 10.72 -21.70
N LEU B 417 3.85 11.31 -21.61
CA LEU B 417 5.11 10.71 -22.04
C LEU B 417 5.85 10.05 -20.88
N THR B 418 6.67 9.05 -21.21
CA THR B 418 7.71 8.61 -20.30
C THR B 418 8.94 8.17 -21.08
N GLU B 419 10.10 8.36 -20.52
CA GLU B 419 11.31 7.71 -21.05
C GLU B 419 11.32 6.27 -20.56
N LEU B 420 11.67 5.35 -21.44
CA LEU B 420 11.72 3.92 -21.12
C LEU B 420 13.12 3.52 -20.72
N SER B 421 13.27 2.33 -20.16
CA SER B 421 14.58 1.83 -19.71
C SER B 421 15.60 1.77 -20.83
N ASN B 422 15.12 1.50 -22.04
CA ASN B 422 16.00 1.38 -23.20
C ASN B 422 16.32 2.72 -23.86
N GLY B 423 15.84 3.82 -23.29
CA GLY B 423 16.08 5.14 -23.87
C GLY B 423 15.05 5.57 -24.90
N ASN B 424 14.14 4.67 -25.24
CA ASN B 424 13.03 5.02 -26.11
C ASN B 424 11.97 5.79 -25.32
N ILE B 425 10.91 6.20 -26.02
CA ILE B 425 9.88 7.04 -25.44
C ILE B 425 8.54 6.30 -25.51
N GLY B 426 7.86 6.18 -24.37
CA GLY B 426 6.52 5.66 -24.33
C GLY B 426 5.51 6.80 -24.27
N LEU B 427 4.35 6.59 -24.87
CA LEU B 427 3.33 7.62 -24.95
C LEU B 427 1.95 7.01 -24.84
N LEU B 428 1.16 7.51 -23.90
CA LEU B 428 -0.22 7.09 -23.75
C LEU B 428 -1.08 8.32 -24.07
N TYR B 429 -2.02 8.18 -24.99
CA TYR B 429 -2.76 9.35 -25.48
C TYR B 429 -4.22 9.09 -25.76
N GLU B 430 -5.02 10.15 -25.65
CA GLU B 430 -6.42 10.11 -26.01
C GLU B 430 -6.55 10.26 -27.53
N GLY B 431 -6.55 9.13 -28.23
CA GLY B 431 -6.76 9.13 -29.67
C GLY B 431 -8.22 8.99 -30.03
N THR B 432 -9.08 8.83 -29.02
CA THR B 432 -10.52 8.96 -29.14
C THR B 432 -10.96 9.87 -27.99
N PRO B 433 -12.17 10.45 -28.07
CA PRO B 433 -12.56 11.36 -26.99
C PRO B 433 -12.62 10.71 -25.61
N SER B 434 -13.17 9.49 -25.50
CA SER B 434 -13.34 8.88 -24.20
C SER B 434 -13.51 7.38 -24.25
N GLU B 435 -12.92 6.74 -25.25
CA GLU B 435 -13.07 5.30 -25.41
C GLU B 435 -11.71 4.61 -25.36
N GLU B 436 -11.11 4.33 -26.51
CA GLU B 436 -9.79 3.73 -26.53
C GLU B 436 -8.70 4.75 -26.21
N MET B 437 -7.82 4.38 -25.28
CA MET B 437 -6.63 5.16 -24.92
C MET B 437 -5.44 4.38 -25.46
N SER B 438 -4.61 5.01 -26.26
CA SER B 438 -3.59 4.29 -27.04
C SER B 438 -2.19 4.45 -26.49
N TYR B 439 -1.41 3.37 -26.53
CA TYR B 439 -0.03 3.37 -26.09
C TYR B 439 0.89 3.01 -27.26
N ILE B 440 1.96 3.80 -27.45
CA ILE B 440 3.00 3.50 -28.44
C ILE B 440 4.38 3.73 -27.84
N GLU B 441 5.38 3.07 -28.44
CA GLU B 441 6.79 3.26 -28.13
C GLU B 441 7.48 3.77 -29.39
N MET B 442 8.35 4.76 -29.23
CA MET B 442 9.10 5.37 -30.34
C MET B 442 10.55 5.50 -29.95
N ASN B 443 11.45 5.40 -30.92
CA ASN B 443 12.85 5.71 -30.65
C ASN B 443 13.26 7.07 -31.19
N LEU B 444 14.47 7.50 -30.86
CA LEU B 444 14.94 8.80 -31.34
C LEU B 444 15.09 8.83 -32.85
N LYS B 445 15.50 7.70 -33.45
CA LYS B 445 15.62 7.63 -34.90
C LYS B 445 14.30 8.00 -35.58
N TYR B 446 13.20 7.51 -35.02
CA TYR B 446 11.89 7.87 -35.53
C TYR B 446 11.59 9.35 -35.30
N LEU B 447 11.77 9.81 -34.06
CA LEU B 447 11.41 11.19 -33.75
C LEU B 447 12.23 12.23 -34.50
N GLU B 448 13.46 11.88 -34.82
CA GLU B 448 14.37 12.78 -35.54
C GLU B 448 14.22 12.72 -37.05
N SER B 449 13.40 11.80 -37.54
CA SER B 449 13.29 11.60 -38.99
C SER B 449 12.42 12.67 -39.65
C3' NHE C . 3.75 -11.72 2.11
C2' NHE C . 3.19 -10.37 2.48
C1' NHE C . 3.34 -10.09 3.96
C6' NHE C . 4.77 -10.27 4.40
N NHE C . 2.95 -8.72 4.30
C1 NHE C . 1.61 -8.34 3.96
C2 NHE C . 1.26 -7.02 4.63
S NHE C . -0.06 -6.13 3.80
O1 NHE C . -1.28 -6.99 3.72
O2 NHE C . -0.31 -4.95 4.64
O3 NHE C . 0.41 -5.74 2.46
C5' NHE C . 5.34 -11.60 4.01
C4' NHE C . 5.20 -11.86 2.53
CA CA D . 18.71 -6.44 10.49
C3' NHE E . -11.95 21.08 -14.38
C2' NHE E . -12.10 20.49 -15.75
C1' NHE E . -11.39 19.16 -15.82
C6' NHE E . -11.82 18.22 -14.71
N NHE E . -11.63 18.48 -17.08
C1 NHE E . -11.26 19.19 -18.28
C2 NHE E . -11.33 18.28 -19.49
S NHE E . -11.56 19.09 -21.07
O1 NHE E . -10.52 20.13 -21.28
O2 NHE E . -11.44 18.01 -22.07
O3 NHE E . -12.92 19.67 -21.09
C5' NHE E . -11.68 18.85 -13.36
C4' NHE E . -12.44 20.15 -13.29
CA CA F . -17.48 5.14 -8.09
#